data_1HIL
#
_entry.id   1HIL
#
_cell.length_a   90.040
_cell.length_b   82.800
_cell.length_c   73.400
_cell.angle_alpha   90.00
_cell.angle_beta   122.60
_cell.angle_gamma   90.00
#
_symmetry.space_group_name_H-M   'P 1 21 1'
#
loop_
_entity.id
_entity.type
_entity.pdbx_description
1 polymer 'IGG2A-KAPPA 17/9 FAB (LIGHT CHAIN)'
2 polymer 'IGG2A-KAPPA 17/9 FAB (HEAVY CHAIN)'
3 water water
#
loop_
_entity_poly.entity_id
_entity_poly.type
_entity_poly.pdbx_seq_one_letter_code
_entity_poly.pdbx_strand_id
1 'polypeptide(L)'
;DIVMTQSPSSLTVTAGEKVTMSCTSSQSLFNSGKQKNYLTWYQQKPGQPPKVLIYWASTRESGVPDRFTGSGSGTDFTLT
ISSVQAEDLAVYYCQNDYSNPLTFGGGTKLELKRADAAPTVSIFPPSSEQLTSGGASVVCFLNNFYPKDINVKWKIDGSE
RQNGVLNSWTDQDSKDSTYSMSSTLTLTKDEYERHNSYTCEATHKTSTSPIVKSFNR
;
A,C
2 'polypeptide(L)'
;EVQLVESGGDLVKPGGSLKLSCAASGFSFSSYGMSWVRQTPDKRLEWVATISNGGGYTYYPDSVKGRFTISRDNAKNTLY
LQMSSLKSEDSAMYYCARRERYDENGFAYWGQGTLVTVSAAKTTAPSVYPLAPVCGDTTGSSVTLGCLVKGYFPEPVTLT
WNSGSLSSGVHTFPAVLQSDLYTLSSSVTVTSSTWPSQSITCNVAHPASSTKVDKKIEPR
;
B,D
#
# COMPACT_ATOMS: atom_id res chain seq x y z
N ASP A 1 41.53 5.78 -19.63
CA ASP A 1 41.10 7.12 -19.35
C ASP A 1 41.41 7.22 -17.87
N ILE A 2 41.79 8.38 -17.37
CA ILE A 2 42.00 8.54 -15.96
C ILE A 2 40.60 8.86 -15.43
N VAL A 3 40.14 8.06 -14.48
CA VAL A 3 38.86 8.22 -13.90
C VAL A 3 39.02 9.12 -12.69
N MET A 4 38.20 10.13 -12.55
CA MET A 4 38.27 11.05 -11.44
C MET A 4 37.03 10.78 -10.57
N THR A 5 37.18 10.51 -9.29
CA THR A 5 36.05 10.20 -8.41
C THR A 5 36.07 11.19 -7.28
N GLN A 6 34.97 11.85 -7.03
CA GLN A 6 34.94 12.85 -6.00
C GLN A 6 34.18 12.34 -4.78
N SER A 7 34.41 12.88 -3.59
CA SER A 7 33.75 12.42 -2.38
C SER A 7 33.62 13.60 -1.45
N PRO A 8 32.43 13.91 -0.87
CA PRO A 8 31.17 13.19 -1.08
C PRO A 8 30.37 13.77 -2.26
N SER A 9 29.39 13.06 -2.85
CA SER A 9 28.54 13.67 -3.86
C SER A 9 27.82 14.90 -3.34
N SER A 10 27.42 14.96 -2.10
CA SER A 10 26.81 16.19 -1.62
C SER A 10 27.11 16.29 -0.16
N LEU A 11 27.18 17.49 0.35
CA LEU A 11 27.61 17.69 1.72
C LEU A 11 26.77 18.79 2.30
N THR A 12 26.17 18.57 3.47
CA THR A 12 25.40 19.61 4.13
C THR A 12 26.39 20.34 4.99
N VAL A 13 26.38 21.65 4.97
CA VAL A 13 27.39 22.36 5.73
C VAL A 13 26.69 23.43 6.51
N THR A 14 27.22 23.79 7.66
CA THR A 14 26.72 24.93 8.41
C THR A 14 27.60 26.12 8.04
N ALA A 15 27.12 27.34 7.90
CA ALA A 15 27.99 28.45 7.55
C ALA A 15 29.04 28.64 8.64
N GLY A 16 30.26 29.00 8.26
CA GLY A 16 31.34 29.17 9.22
C GLY A 16 32.09 27.89 9.49
N GLU A 17 31.76 26.81 8.83
CA GLU A 17 32.45 25.58 9.14
C GLU A 17 33.53 25.25 8.11
N LYS A 18 34.52 24.47 8.50
CA LYS A 18 35.55 23.99 7.62
C LYS A 18 34.99 22.82 6.86
N VAL A 19 35.14 22.72 5.55
CA VAL A 19 34.64 21.56 4.81
C VAL A 19 35.79 21.14 3.92
N THR A 20 35.94 19.84 3.80
CA THR A 20 36.97 19.21 2.98
C THR A 20 36.25 18.36 1.97
N MET A 21 36.66 18.43 0.72
CA MET A 21 36.08 17.67 -0.35
C MET A 21 37.28 16.92 -0.91
N SER A 22 37.11 15.68 -1.35
CA SER A 22 38.17 14.88 -1.88
C SER A 22 38.01 14.61 -3.37
N CYS A 23 39.10 14.34 -4.04
CA CYS A 23 39.08 14.03 -5.44
C CYS A 23 40.20 13.04 -5.67
N THR A 24 39.87 11.86 -6.19
CA THR A 24 40.83 10.77 -6.42
C THR A 24 40.93 10.45 -7.91
N SER A 25 42.15 10.40 -8.48
CA SER A 25 42.29 9.99 -9.85
C SER A 25 42.78 8.55 -9.88
N SER A 26 42.50 7.79 -10.92
CA SER A 26 42.89 6.40 -11.02
C SER A 26 44.36 6.23 -11.34
N GLN A 27 45.00 7.28 -11.87
CA GLN A 27 46.42 7.26 -12.18
C GLN A 27 47.01 8.57 -11.67
N SER A 28 48.33 8.62 -11.41
CA SER A 28 48.95 9.82 -10.89
C SER A 28 48.85 10.97 -11.86
N LEU A 29 48.62 12.18 -11.35
CA LEU A 29 48.55 13.36 -12.18
C LEU A 29 49.84 14.16 -12.05
N PHE A 30 50.86 13.58 -11.43
CA PHE A 30 52.08 14.31 -11.17
C PHE A 30 53.02 14.25 -12.33
N ASN A 31 53.55 15.38 -12.73
CA ASN A 31 54.53 15.39 -13.79
C ASN A 31 55.90 15.72 -13.22
N SER A 32 56.73 14.67 -13.14
CA SER A 32 58.09 14.71 -12.62
C SER A 32 59.00 15.78 -13.20
N GLY A 33 58.94 16.02 -14.49
CA GLY A 33 59.83 17.02 -15.06
C GLY A 33 59.47 18.36 -14.48
N LYS A 34 58.17 18.67 -14.52
CA LYS A 34 57.72 20.02 -14.19
C LYS A 34 57.31 20.24 -12.75
N GLN A 35 57.42 19.16 -11.99
CA GLN A 35 57.17 19.09 -10.56
C GLN A 35 55.84 19.69 -10.17
N LYS A 36 54.81 19.32 -10.94
CA LYS A 36 53.47 19.83 -10.71
C LYS A 36 52.48 18.68 -10.86
N ASN A 37 51.30 18.80 -10.25
CA ASN A 37 50.23 17.84 -10.42
C ASN A 37 49.24 18.60 -11.29
N TYR A 38 48.70 17.99 -12.33
CA TYR A 38 47.85 18.71 -13.23
C TYR A 38 46.39 18.41 -12.96
N LEU A 39 45.95 18.98 -11.84
CA LEU A 39 44.61 18.84 -11.29
C LEU A 39 43.99 20.21 -11.13
N THR A 40 42.84 20.44 -11.78
CA THR A 40 42.13 21.70 -11.68
C THR A 40 40.78 21.53 -11.00
N TRP A 41 40.41 22.51 -10.20
CA TRP A 41 39.17 22.57 -9.48
C TRP A 41 38.32 23.67 -10.11
N TYR A 42 37.06 23.38 -10.35
CA TYR A 42 36.09 24.30 -10.90
C TYR A 42 34.95 24.47 -9.89
N GLN A 43 34.35 25.65 -9.87
CA GLN A 43 33.17 25.91 -9.07
C GLN A 43 32.04 26.29 -10.04
N GLN A 44 30.86 25.66 -9.95
CA GLN A 44 29.77 26.07 -10.78
C GLN A 44 28.62 26.44 -9.85
N LYS A 45 28.28 27.73 -9.86
CA LYS A 45 27.23 28.29 -9.05
C LYS A 45 25.97 28.10 -9.90
N PRO A 46 24.75 28.06 -9.37
CA PRO A 46 23.57 27.78 -10.18
C PRO A 46 23.32 28.79 -11.28
N GLY A 47 22.97 28.27 -12.46
CA GLY A 47 22.67 29.07 -13.62
C GLY A 47 23.89 29.60 -14.35
N GLN A 48 25.12 29.38 -13.88
CA GLN A 48 26.24 29.96 -14.57
C GLN A 48 27.24 28.91 -14.96
N PRO A 49 28.19 29.17 -15.87
CA PRO A 49 29.18 28.19 -16.31
C PRO A 49 30.14 27.93 -15.18
N PRO A 50 30.90 26.84 -15.17
CA PRO A 50 31.91 26.62 -14.18
C PRO A 50 33.00 27.73 -14.33
N LYS A 51 33.67 28.06 -13.24
CA LYS A 51 34.79 29.00 -13.19
C LYS A 51 35.96 28.19 -12.63
N VAL A 52 37.16 28.37 -13.20
CA VAL A 52 38.38 27.79 -12.66
C VAL A 52 38.60 28.40 -11.29
N LEU A 53 38.87 27.56 -10.32
CA LEU A 53 39.13 28.03 -9.01
C LEU A 53 40.59 27.85 -8.64
N ILE A 54 41.14 26.65 -8.81
CA ILE A 54 42.50 26.29 -8.41
C ILE A 54 43.10 25.41 -9.50
N TYR A 55 44.37 25.61 -9.82
CA TYR A 55 44.99 24.80 -10.85
C TYR A 55 46.32 24.33 -10.32
N TRP A 56 46.92 23.34 -11.00
CA TRP A 56 48.14 22.66 -10.56
C TRP A 56 47.98 22.23 -9.11
N ALA A 57 46.75 21.76 -8.80
CA ALA A 57 46.33 21.30 -7.51
C ALA A 57 46.26 22.29 -6.36
N SER A 58 47.13 23.32 -6.29
CA SER A 58 47.11 24.19 -5.13
C SER A 58 47.29 25.66 -5.44
N THR A 59 47.37 26.07 -6.71
CA THR A 59 47.50 27.49 -7.01
C THR A 59 46.13 28.11 -7.27
N ARG A 60 45.71 29.10 -6.49
CA ARG A 60 44.46 29.78 -6.77
C ARG A 60 44.51 30.78 -7.94
N GLU A 61 43.44 30.80 -8.71
CA GLU A 61 43.21 31.75 -9.75
C GLU A 61 42.98 33.14 -9.13
N SER A 62 43.13 34.24 -9.89
CA SER A 62 42.90 35.59 -9.39
C SER A 62 41.46 35.74 -8.98
N GLY A 63 41.22 36.44 -7.89
CA GLY A 63 39.86 36.69 -7.51
C GLY A 63 39.31 35.61 -6.60
N VAL A 64 39.91 34.43 -6.52
CA VAL A 64 39.43 33.40 -5.60
C VAL A 64 39.81 33.74 -4.17
N PRO A 65 38.87 33.88 -3.22
CA PRO A 65 39.18 34.19 -1.84
C PRO A 65 40.13 33.14 -1.25
N ASP A 66 40.99 33.46 -0.30
CA ASP A 66 41.94 32.45 0.11
C ASP A 66 41.40 31.57 1.17
N ARG A 67 40.11 31.68 1.51
CA ARG A 67 39.53 30.63 2.34
C ARG A 67 39.49 29.30 1.59
N PHE A 68 39.68 29.28 0.26
CA PHE A 68 39.80 28.06 -0.50
C PHE A 68 41.26 27.61 -0.58
N THR A 69 41.59 26.38 -0.23
CA THR A 69 42.93 25.84 -0.36
C THR A 69 42.85 24.49 -1.04
N GLY A 70 43.64 24.30 -2.09
CA GLY A 70 43.75 23.03 -2.77
C GLY A 70 44.99 22.36 -2.22
N SER A 71 44.95 21.03 -2.03
CA SER A 71 46.07 20.27 -1.51
C SER A 71 46.13 18.91 -2.18
N GLY A 72 47.26 18.22 -1.96
CA GLY A 72 47.46 16.85 -2.39
C GLY A 72 48.39 16.64 -3.56
N SER A 73 48.70 15.41 -3.88
CA SER A 73 49.54 15.09 -5.01
C SER A 73 49.37 13.66 -5.41
N GLY A 74 49.80 13.31 -6.60
CA GLY A 74 49.71 11.95 -7.03
C GLY A 74 48.28 11.62 -7.39
N THR A 75 47.59 10.92 -6.49
CA THR A 75 46.24 10.51 -6.80
C THR A 75 45.17 11.08 -5.87
N ASP A 76 45.52 11.71 -4.75
CA ASP A 76 44.48 12.21 -3.86
C ASP A 76 44.66 13.66 -3.62
N PHE A 77 43.59 14.40 -3.88
CA PHE A 77 43.60 15.85 -3.79
C PHE A 77 42.41 16.25 -2.92
N THR A 78 42.49 17.36 -2.22
CA THR A 78 41.44 17.84 -1.36
C THR A 78 41.25 19.30 -1.62
N LEU A 79 40.02 19.76 -1.53
CA LEU A 79 39.75 21.17 -1.57
C LEU A 79 39.19 21.50 -0.21
N THR A 80 39.73 22.48 0.51
CA THR A 80 39.28 22.79 1.84
C THR A 80 38.73 24.19 1.82
N ILE A 81 37.64 24.49 2.54
CA ILE A 81 37.17 25.87 2.68
C ILE A 81 37.30 26.10 4.18
N SER A 82 38.02 27.14 4.59
CA SER A 82 38.31 27.26 6.00
C SER A 82 37.08 27.58 6.82
N SER A 83 36.18 28.37 6.26
CA SER A 83 34.96 28.77 6.91
C SER A 83 34.04 29.05 5.76
N VAL A 84 33.15 28.08 5.48
CA VAL A 84 32.28 28.16 4.32
C VAL A 84 31.22 29.22 4.49
N GLN A 85 30.98 29.93 3.41
CA GLN A 85 30.06 31.03 3.39
C GLN A 85 28.87 30.68 2.51
N ALA A 86 27.74 31.36 2.65
CA ALA A 86 26.58 31.07 1.82
C ALA A 86 26.88 31.24 0.34
N GLU A 87 27.77 32.18 -0.02
CA GLU A 87 28.10 32.40 -1.41
C GLU A 87 28.90 31.23 -1.99
N ASP A 88 29.35 30.32 -1.13
CA ASP A 88 30.12 29.19 -1.62
C ASP A 88 29.22 28.02 -1.95
N LEU A 89 27.91 28.16 -1.84
CA LEU A 89 27.03 27.05 -2.23
C LEU A 89 27.13 26.86 -3.74
N ALA A 90 27.64 25.72 -4.17
CA ALA A 90 27.83 25.45 -5.59
C ALA A 90 28.16 24.00 -5.76
N VAL A 91 28.39 23.56 -7.02
CA VAL A 91 28.92 22.25 -7.26
C VAL A 91 30.42 22.48 -7.55
N TYR A 92 31.30 21.62 -7.02
CA TYR A 92 32.74 21.77 -7.22
C TYR A 92 33.18 20.57 -8.03
N TYR A 93 33.92 20.77 -9.11
CA TYR A 93 34.31 19.69 -9.96
C TYR A 93 35.83 19.60 -10.01
N CYS A 94 36.46 18.45 -9.87
CA CYS A 94 37.91 18.42 -10.15
C CYS A 94 38.11 17.85 -11.54
N GLN A 95 39.29 18.11 -12.13
CA GLN A 95 39.55 17.72 -13.49
C GLN A 95 40.97 17.30 -13.71
N ASN A 96 41.12 16.14 -14.39
CA ASN A 96 42.41 15.69 -14.85
C ASN A 96 42.78 16.59 -16.04
N ASP A 97 43.80 17.42 -15.86
CA ASP A 97 44.28 18.22 -16.97
C ASP A 97 45.68 17.74 -17.41
N TYR A 98 46.00 16.49 -17.14
CA TYR A 98 47.33 15.92 -17.36
C TYR A 98 47.42 15.12 -18.64
N SER A 99 46.50 14.22 -18.86
CA SER A 99 46.62 13.35 -20.00
C SER A 99 45.29 13.30 -20.71
N ASN A 100 45.30 13.19 -22.04
CA ASN A 100 44.05 13.06 -22.77
C ASN A 100 43.57 11.62 -22.66
N PRO A 101 42.27 11.30 -22.60
CA PRO A 101 41.17 12.26 -22.63
C PRO A 101 41.11 13.07 -21.34
N LEU A 102 40.83 14.36 -21.43
CA LEU A 102 40.71 15.18 -20.23
C LEU A 102 39.39 14.78 -19.59
N THR A 103 39.38 14.49 -18.28
CA THR A 103 38.15 13.96 -17.67
C THR A 103 37.77 14.76 -16.43
N PHE A 104 36.49 14.81 -16.12
CA PHE A 104 36.02 15.50 -14.94
C PHE A 104 35.51 14.51 -13.92
N GLY A 105 35.69 14.85 -12.64
CA GLY A 105 35.03 14.14 -11.54
C GLY A 105 33.51 14.41 -11.63
N GLY A 106 32.72 13.75 -10.78
CA GLY A 106 31.27 13.89 -10.89
C GLY A 106 30.74 15.04 -10.08
N GLY A 107 31.59 15.76 -9.36
CA GLY A 107 31.03 16.86 -8.56
C GLY A 107 30.64 16.54 -7.10
N THR A 108 30.84 17.57 -6.27
CA THR A 108 30.44 17.55 -4.89
C THR A 108 29.53 18.75 -4.76
N LYS A 109 28.29 18.53 -4.36
CA LYS A 109 27.37 19.65 -4.24
C LYS A 109 27.22 20.04 -2.77
N LEU A 110 27.40 21.33 -2.47
CA LEU A 110 27.23 21.82 -1.13
C LEU A 110 25.83 22.32 -0.86
N GLU A 111 25.23 21.95 0.24
CA GLU A 111 23.92 22.49 0.57
C GLU A 111 24.01 23.04 1.97
N LEU A 112 23.27 24.09 2.25
CA LEU A 112 23.34 24.71 3.55
C LEU A 112 22.36 24.05 4.53
N LYS A 113 22.82 23.81 5.74
CA LYS A 113 21.97 23.28 6.80
C LYS A 113 21.03 24.35 7.34
N ARG A 114 19.77 23.99 7.54
CA ARG A 114 18.86 24.88 8.22
C ARG A 114 17.96 23.94 9.03
N ALA A 115 17.08 24.53 9.82
CA ALA A 115 16.14 23.77 10.65
C ALA A 115 15.13 23.07 9.74
N ASP A 116 14.72 21.86 10.11
CA ASP A 116 13.69 21.14 9.37
C ASP A 116 12.45 21.98 9.23
N ALA A 117 11.77 21.81 8.09
CA ALA A 117 10.59 22.56 7.76
C ALA A 117 9.68 21.63 7.02
N ALA A 118 8.42 21.59 7.40
CA ALA A 118 7.44 20.74 6.77
C ALA A 118 6.95 21.42 5.53
N PRO A 119 6.55 20.66 4.51
CA PRO A 119 6.04 21.25 3.30
C PRO A 119 4.65 21.87 3.45
N THR A 120 4.38 22.93 2.69
CA THR A 120 3.04 23.47 2.49
C THR A 120 2.52 22.74 1.27
N VAL A 121 1.49 21.91 1.32
CA VAL A 121 1.07 21.16 0.17
C VAL A 121 -0.17 21.82 -0.40
N SER A 122 -0.30 21.94 -1.72
CA SER A 122 -1.42 22.56 -2.37
C SER A 122 -1.83 21.62 -3.46
N ILE A 123 -3.12 21.34 -3.68
CA ILE A 123 -3.53 20.41 -4.71
C ILE A 123 -4.43 21.19 -5.63
N PHE A 124 -4.36 20.88 -6.89
CA PHE A 124 -5.11 21.60 -7.87
C PHE A 124 -5.76 20.63 -8.82
N PRO A 125 -7.10 20.66 -8.95
CA PRO A 125 -7.80 19.83 -9.92
C PRO A 125 -7.48 20.35 -11.34
N PRO A 126 -7.71 19.57 -12.40
CA PRO A 126 -7.51 19.96 -13.79
C PRO A 126 -8.23 21.26 -14.07
N SER A 127 -7.60 22.14 -14.81
CA SER A 127 -8.25 23.34 -15.22
C SER A 127 -9.24 22.94 -16.31
N SER A 128 -10.38 23.64 -16.43
CA SER A 128 -11.38 23.36 -17.44
C SER A 128 -10.83 23.46 -18.83
N GLU A 129 -9.93 24.41 -19.04
CA GLU A 129 -9.27 24.62 -20.33
C GLU A 129 -8.56 23.38 -20.75
N GLN A 130 -7.96 22.66 -19.80
CA GLN A 130 -7.24 21.46 -20.16
C GLN A 130 -8.20 20.35 -20.53
N LEU A 131 -9.41 20.33 -19.94
CA LEU A 131 -10.33 19.21 -20.12
C LEU A 131 -10.68 18.98 -21.58
N THR A 132 -10.66 20.06 -22.34
CA THR A 132 -10.86 20.05 -23.78
C THR A 132 -9.78 19.26 -24.60
N SER A 133 -8.52 19.19 -24.16
CA SER A 133 -7.52 18.44 -24.88
C SER A 133 -7.75 16.92 -24.76
N GLY A 134 -8.71 16.53 -23.91
CA GLY A 134 -8.97 15.12 -23.69
C GLY A 134 -8.09 14.63 -22.58
N GLY A 135 -7.48 15.56 -21.82
CA GLY A 135 -6.55 15.17 -20.77
C GLY A 135 -6.84 15.88 -19.46
N ALA A 136 -6.31 15.37 -18.35
CA ALA A 136 -6.57 15.96 -17.06
C ALA A 136 -5.32 15.81 -16.20
N SER A 137 -4.73 16.91 -15.74
CA SER A 137 -3.59 16.85 -14.88
C SER A 137 -3.98 17.36 -13.52
N VAL A 138 -3.63 16.64 -12.46
CA VAL A 138 -3.87 17.09 -11.09
C VAL A 138 -2.48 17.47 -10.57
N VAL A 139 -2.34 18.62 -9.96
CA VAL A 139 -1.01 19.05 -9.57
C VAL A 139 -0.97 19.22 -8.07
N CYS A 140 0.10 18.74 -7.49
CA CYS A 140 0.36 18.97 -6.11
C CYS A 140 1.73 19.65 -5.94
N PHE A 141 1.74 20.80 -5.29
CA PHE A 141 2.97 21.50 -4.97
C PHE A 141 3.31 21.18 -3.54
N LEU A 142 4.53 20.75 -3.27
CA LEU A 142 4.98 20.49 -1.91
C LEU A 142 6.12 21.50 -1.76
N ASN A 143 5.85 22.62 -1.13
CA ASN A 143 6.74 23.73 -1.08
C ASN A 143 7.43 24.01 0.24
N ASN A 144 8.63 24.56 0.09
CA ASN A 144 9.42 25.07 1.21
C ASN A 144 9.71 24.15 2.37
N PHE A 145 10.18 22.96 2.05
CA PHE A 145 10.46 21.96 3.08
C PHE A 145 11.94 21.75 3.25
N TYR A 146 12.33 21.11 4.33
CA TYR A 146 13.74 20.81 4.57
C TYR A 146 13.71 19.70 5.59
N PRO A 147 14.46 18.59 5.48
CA PRO A 147 15.40 18.18 4.45
C PRO A 147 14.78 17.92 3.09
N LYS A 148 15.62 17.62 2.13
CA LYS A 148 15.20 17.38 0.77
C LYS A 148 14.49 16.04 0.57
N ASP A 149 14.85 15.00 1.34
CA ASP A 149 14.25 13.68 1.17
C ASP A 149 12.74 13.75 1.43
N ILE A 150 11.95 13.34 0.45
CA ILE A 150 10.51 13.37 0.57
C ILE A 150 9.94 12.32 -0.35
N ASN A 151 8.78 11.73 -0.03
CA ASN A 151 8.16 10.67 -0.82
C ASN A 151 6.74 11.14 -1.09
N VAL A 152 6.25 11.01 -2.31
CA VAL A 152 4.93 11.50 -2.65
C VAL A 152 4.11 10.36 -3.27
N LYS A 153 2.96 10.06 -2.69
CA LYS A 153 2.03 9.11 -3.25
C LYS A 153 0.76 9.80 -3.73
N TRP A 154 0.29 9.39 -4.90
CA TRP A 154 -1.01 9.80 -5.32
C TRP A 154 -2.01 8.66 -5.08
N LYS A 155 -3.19 9.01 -4.59
CA LYS A 155 -4.29 8.06 -4.46
C LYS A 155 -5.49 8.60 -5.21
N ILE A 156 -6.18 7.72 -5.92
CA ILE A 156 -7.42 8.04 -6.59
C ILE A 156 -8.45 7.13 -5.91
N ASP A 157 -9.47 7.70 -5.25
CA ASP A 157 -10.46 6.90 -4.53
C ASP A 157 -9.79 5.92 -3.58
N GLY A 158 -8.84 6.44 -2.82
CA GLY A 158 -8.12 5.64 -1.87
C GLY A 158 -7.17 4.64 -2.48
N SER A 159 -7.12 4.40 -3.77
CA SER A 159 -6.20 3.43 -4.32
C SER A 159 -4.94 4.10 -4.91
N GLU A 160 -3.74 3.56 -4.75
CA GLU A 160 -2.52 4.21 -5.22
C GLU A 160 -2.32 4.18 -6.73
N ARG A 161 -1.88 5.29 -7.32
CA ARG A 161 -1.61 5.35 -8.74
C ARG A 161 -0.13 5.70 -8.87
N GLN A 162 0.63 4.83 -9.53
CA GLN A 162 2.04 5.04 -9.78
C GLN A 162 2.25 5.58 -11.20
N ASN A 163 1.43 5.16 -12.15
CA ASN A 163 1.60 5.61 -13.52
C ASN A 163 1.07 7.00 -13.76
N GLY A 164 1.65 7.70 -14.73
CA GLY A 164 1.25 9.05 -15.11
C GLY A 164 1.72 10.19 -14.20
N VAL A 165 2.67 9.93 -13.31
CA VAL A 165 3.15 10.89 -12.34
C VAL A 165 4.44 11.52 -12.85
N LEU A 166 4.60 12.82 -12.70
CA LEU A 166 5.81 13.49 -13.14
C LEU A 166 6.20 14.45 -12.02
N ASN A 167 7.39 14.24 -11.49
CA ASN A 167 7.85 15.00 -10.37
C ASN A 167 8.98 15.86 -10.86
N SER A 168 9.17 17.02 -10.26
CA SER A 168 10.27 17.90 -10.54
C SER A 168 10.59 18.59 -9.23
N TRP A 169 11.87 18.78 -8.94
CA TRP A 169 12.30 19.35 -7.69
C TRP A 169 13.08 20.65 -7.94
N THR A 170 13.04 21.65 -7.09
CA THR A 170 13.88 22.83 -7.25
C THR A 170 15.20 22.54 -6.55
N ASP A 171 16.26 23.31 -6.84
CA ASP A 171 17.50 23.21 -6.09
C ASP A 171 17.29 24.02 -4.82
N GLN A 172 18.23 23.99 -3.88
CA GLN A 172 18.05 24.69 -2.63
C GLN A 172 17.79 26.16 -2.83
N ASP A 173 16.75 26.67 -2.19
CA ASP A 173 16.39 28.06 -2.30
C ASP A 173 17.43 28.96 -1.67
N SER A 174 18.04 29.87 -2.44
CA SER A 174 19.06 30.78 -1.89
C SER A 174 18.51 31.82 -0.93
N LYS A 175 17.19 32.00 -0.90
CA LYS A 175 16.55 32.91 0.05
C LYS A 175 16.29 32.28 1.41
N ASP A 176 15.95 30.98 1.51
CA ASP A 176 15.65 30.42 2.83
C ASP A 176 16.12 28.98 3.06
N SER A 177 16.98 28.53 2.16
CA SER A 177 17.59 27.23 2.20
C SER A 177 16.66 26.04 2.18
N THR A 178 15.49 26.22 1.62
CA THR A 178 14.44 25.19 1.63
C THR A 178 14.35 24.52 0.25
N TYR A 179 13.65 23.41 0.12
CA TYR A 179 13.46 22.76 -1.17
C TYR A 179 11.98 22.80 -1.54
N SER A 180 11.63 22.68 -2.82
CA SER A 180 10.23 22.55 -3.21
C SER A 180 10.14 21.50 -4.28
N MET A 181 8.94 20.95 -4.50
CA MET A 181 8.70 19.85 -5.39
C MET A 181 7.34 20.00 -6.01
N SER A 182 7.18 19.57 -7.24
CA SER A 182 5.94 19.58 -7.95
C SER A 182 5.73 18.15 -8.38
N SER A 183 4.49 17.66 -8.18
CA SER A 183 4.10 16.32 -8.60
C SER A 183 2.84 16.51 -9.43
N THR A 184 2.85 16.01 -10.66
CA THR A 184 1.71 16.14 -11.58
C THR A 184 1.25 14.74 -11.93
N LEU A 185 -0.07 14.57 -11.90
CA LEU A 185 -0.68 13.30 -12.21
C LEU A 185 -1.49 13.55 -13.49
N THR A 186 -1.11 12.94 -14.59
CA THR A 186 -1.90 13.09 -15.77
C THR A 186 -2.70 11.81 -16.07
N LEU A 187 -3.97 12.02 -16.39
CA LEU A 187 -4.89 10.97 -16.76
C LEU A 187 -5.67 11.47 -17.98
N THR A 188 -6.36 10.58 -18.67
CA THR A 188 -7.28 10.97 -19.72
C THR A 188 -8.50 11.59 -19.06
N LYS A 189 -9.24 12.46 -19.71
CA LYS A 189 -10.47 13.01 -19.14
C LYS A 189 -11.45 11.92 -18.66
N ASP A 190 -11.57 10.88 -19.49
CA ASP A 190 -12.33 9.68 -19.32
C ASP A 190 -12.12 9.06 -17.93
N GLU A 191 -10.88 8.73 -17.53
CA GLU A 191 -10.64 8.13 -16.22
C GLU A 191 -10.82 9.15 -15.11
N TYR A 192 -10.46 10.42 -15.36
CA TYR A 192 -10.63 11.46 -14.35
C TYR A 192 -12.08 11.57 -13.96
N GLU A 193 -12.95 11.48 -14.95
CA GLU A 193 -14.35 11.65 -14.72
C GLU A 193 -14.99 10.50 -13.96
N ARG A 194 -14.38 9.33 -13.94
CA ARG A 194 -15.03 8.25 -13.24
C ARG A 194 -14.55 8.01 -11.84
N HIS A 195 -13.89 9.01 -11.25
CA HIS A 195 -13.43 8.91 -9.88
C HIS A 195 -13.76 10.18 -9.16
N ASN A 196 -13.96 10.10 -7.86
CA ASN A 196 -14.32 11.30 -7.14
C ASN A 196 -13.21 11.92 -6.28
N SER A 197 -12.26 11.13 -5.79
CA SER A 197 -11.37 11.64 -4.75
C SER A 197 -9.92 11.60 -5.18
N TYR A 198 -9.21 12.74 -5.10
CA TYR A 198 -7.84 12.78 -5.54
C TYR A 198 -6.97 13.20 -4.37
N THR A 199 -6.00 12.35 -4.04
CA THR A 199 -5.19 12.59 -2.86
C THR A 199 -3.70 12.61 -3.19
N CYS A 200 -3.04 13.61 -2.65
CA CYS A 200 -1.61 13.71 -2.78
C CYS A 200 -1.09 13.60 -1.37
N GLU A 201 -0.26 12.63 -1.08
CA GLU A 201 0.24 12.58 0.25
C GLU A 201 1.74 12.43 0.23
N ALA A 202 2.32 12.97 1.26
CA ALA A 202 3.75 13.07 1.34
C ALA A 202 4.30 12.54 2.66
N THR A 203 5.40 11.84 2.59
CA THR A 203 6.11 11.51 3.80
C THR A 203 7.39 12.35 3.81
N HIS A 204 7.65 13.00 4.93
CA HIS A 204 8.82 13.82 5.12
C HIS A 204 9.21 13.66 6.59
N LYS A 205 10.47 13.79 7.01
CA LYS A 205 10.78 13.55 8.42
C LYS A 205 10.20 14.54 9.41
N THR A 206 9.52 15.59 8.99
CA THR A 206 8.87 16.44 9.95
C THR A 206 7.59 15.85 10.51
N SER A 207 7.25 14.60 10.18
CA SER A 207 5.97 14.03 10.56
C SER A 207 6.02 12.53 10.64
N THR A 208 5.37 12.06 11.69
CA THR A 208 5.14 10.64 11.87
C THR A 208 3.99 10.27 10.95
N SER A 209 3.02 11.14 10.80
CA SER A 209 1.85 10.91 9.96
C SER A 209 1.97 11.61 8.58
N PRO A 210 1.54 10.97 7.47
CA PRO A 210 1.59 11.52 6.12
C PRO A 210 0.90 12.86 6.05
N ILE A 211 1.51 13.82 5.31
CA ILE A 211 0.85 15.08 5.05
C ILE A 211 -0.05 14.76 3.86
N VAL A 212 -1.32 15.11 3.90
CA VAL A 212 -2.26 14.75 2.85
C VAL A 212 -3.07 15.94 2.42
N LYS A 213 -3.26 16.11 1.13
CA LYS A 213 -4.12 17.16 0.66
C LYS A 213 -5.02 16.39 -0.30
N SER A 214 -6.34 16.61 -0.23
CA SER A 214 -7.32 15.86 -1.02
C SER A 214 -8.37 16.79 -1.55
N PHE A 215 -8.99 16.50 -2.66
CA PHE A 215 -10.22 17.21 -2.99
C PHE A 215 -11.18 16.14 -3.52
N ASN A 216 -12.48 16.38 -3.36
CA ASN A 216 -13.46 15.46 -3.91
C ASN A 216 -14.20 16.26 -4.92
N ARG A 217 -14.50 15.63 -6.04
CA ARG A 217 -15.21 16.33 -7.09
C ARG A 217 -16.65 16.70 -6.77
N GLU B 1 37.33 42.84 -21.70
CA GLU B 1 37.09 41.71 -20.83
C GLU B 1 37.48 40.61 -21.84
N VAL B 2 38.20 39.57 -21.44
CA VAL B 2 38.36 38.39 -22.27
C VAL B 2 36.92 37.84 -22.42
N GLN B 3 36.42 37.47 -23.58
CA GLN B 3 35.07 36.97 -23.66
C GLN B 3 34.97 36.00 -24.81
N LEU B 4 34.27 34.88 -24.55
CA LEU B 4 33.95 33.84 -25.51
C LEU B 4 32.42 33.77 -25.67
N VAL B 5 31.88 33.70 -26.90
CA VAL B 5 30.43 33.65 -27.09
C VAL B 5 30.11 32.52 -28.02
N GLU B 6 29.39 31.50 -27.53
CA GLU B 6 29.00 30.34 -28.34
C GLU B 6 27.73 30.66 -29.09
N SER B 7 27.58 30.06 -30.25
CA SER B 7 26.41 30.23 -31.09
C SER B 7 26.19 28.94 -31.86
N GLY B 8 24.96 28.78 -32.34
CA GLY B 8 24.66 27.76 -33.32
C GLY B 8 23.76 26.66 -32.79
N GLY B 9 23.54 26.58 -31.48
CA GLY B 9 22.71 25.54 -30.93
C GLY B 9 21.31 25.57 -31.54
N ASP B 10 20.77 24.36 -31.69
CA ASP B 10 19.46 24.21 -32.30
C ASP B 10 18.94 22.78 -32.09
N LEU B 11 17.71 22.54 -32.50
CA LEU B 11 17.14 21.22 -32.45
C LEU B 11 17.50 20.61 -33.80
N VAL B 12 18.05 19.40 -33.83
CA VAL B 12 18.53 18.76 -35.03
C VAL B 12 18.12 17.31 -34.91
N LYS B 13 17.76 16.67 -36.01
CA LYS B 13 17.35 15.27 -35.96
C LYS B 13 18.57 14.36 -35.80
N PRO B 14 18.46 13.18 -35.17
CA PRO B 14 19.59 12.27 -35.01
C PRO B 14 20.15 11.91 -36.39
N GLY B 15 21.45 11.72 -36.50
CA GLY B 15 22.11 11.49 -37.77
C GLY B 15 22.39 12.80 -38.46
N GLY B 16 21.84 13.93 -38.01
CA GLY B 16 22.07 15.23 -38.66
C GLY B 16 23.43 15.88 -38.35
N SER B 17 23.61 17.10 -38.80
CA SER B 17 24.86 17.82 -38.68
C SER B 17 24.55 19.18 -38.08
N LEU B 18 25.53 19.84 -37.48
CA LEU B 18 25.32 21.17 -36.96
C LEU B 18 26.70 21.77 -36.76
N LYS B 19 26.84 23.03 -37.06
CA LYS B 19 28.13 23.64 -36.86
C LYS B 19 27.96 24.67 -35.76
N LEU B 20 28.74 24.60 -34.70
CA LEU B 20 28.70 25.59 -33.66
C LEU B 20 29.85 26.57 -33.87
N SER B 21 29.72 27.82 -33.41
CA SER B 21 30.87 28.69 -33.47
C SER B 21 31.06 29.39 -32.14
N CYS B 22 32.25 29.98 -31.92
CA CYS B 22 32.62 30.62 -30.70
C CYS B 22 33.41 31.84 -31.08
N ALA B 23 32.90 33.02 -30.77
CA ALA B 23 33.52 34.29 -31.12
C ALA B 23 34.33 34.74 -29.93
N ALA B 24 35.62 34.97 -30.16
CA ALA B 24 36.50 35.36 -29.08
C ALA B 24 36.85 36.83 -29.21
N SER B 25 36.87 37.59 -28.12
CA SER B 25 37.27 38.97 -28.18
C SER B 25 38.03 39.30 -26.92
N GLY B 26 38.82 40.37 -27.01
CA GLY B 26 39.48 40.90 -25.82
C GLY B 26 40.79 40.24 -25.53
N PHE B 27 41.35 39.43 -26.43
CA PHE B 27 42.66 38.88 -26.21
C PHE B 27 43.23 38.47 -27.54
N SER B 28 44.50 38.07 -27.62
CA SER B 28 45.04 37.72 -28.91
C SER B 28 44.74 36.25 -29.10
N PHE B 29 43.75 35.99 -29.97
CA PHE B 29 43.19 34.65 -30.18
C PHE B 29 44.22 33.60 -30.59
N SER B 30 45.05 33.93 -31.59
CA SER B 30 46.07 32.99 -32.03
C SER B 30 47.12 32.60 -30.98
N SER B 31 47.26 33.25 -29.83
CA SER B 31 48.27 32.85 -28.85
C SER B 31 47.77 31.76 -27.95
N TYR B 32 46.47 31.35 -28.05
CA TYR B 32 45.90 30.36 -27.11
C TYR B 32 45.28 29.12 -27.75
N GLY B 33 45.46 28.01 -27.04
CA GLY B 33 44.74 26.78 -27.38
C GLY B 33 43.26 27.03 -26.98
N MET B 34 42.31 26.30 -27.56
CA MET B 34 40.87 26.50 -27.28
C MET B 34 40.20 25.15 -27.15
N SER B 35 39.10 25.07 -26.41
CA SER B 35 38.40 23.78 -26.33
C SER B 35 36.89 24.02 -26.38
N TRP B 36 36.17 22.92 -26.63
CA TRP B 36 34.71 22.81 -26.41
C TRP B 36 34.50 21.80 -25.28
N VAL B 37 33.57 22.05 -24.35
CA VAL B 37 33.23 21.19 -23.22
C VAL B 37 31.69 21.17 -23.22
N ARG B 38 31.01 20.09 -22.92
CA ARG B 38 29.57 20.17 -22.92
C ARG B 38 29.06 19.77 -21.54
N GLN B 39 27.89 20.27 -21.15
CA GLN B 39 27.36 19.82 -19.90
C GLN B 39 26.05 19.14 -20.25
N THR B 40 25.99 17.84 -19.96
CA THR B 40 24.82 17.03 -20.32
C THR B 40 23.60 17.35 -19.43
N PRO B 41 22.37 16.88 -19.72
CA PRO B 41 21.18 17.19 -18.91
C PRO B 41 21.31 16.78 -17.46
N ASP B 42 21.99 15.68 -17.17
CA ASP B 42 22.20 15.35 -15.79
C ASP B 42 23.37 16.08 -15.13
N LYS B 43 23.85 17.20 -15.70
CA LYS B 43 24.91 18.06 -15.18
C LYS B 43 26.33 17.52 -15.12
N ARG B 44 26.64 16.47 -15.84
CA ARG B 44 28.02 16.00 -15.91
C ARG B 44 28.70 16.85 -16.98
N LEU B 45 30.00 17.07 -16.79
CA LEU B 45 30.84 17.81 -17.70
C LEU B 45 31.66 16.88 -18.54
N GLU B 46 31.73 17.11 -19.81
CA GLU B 46 32.50 16.27 -20.70
C GLU B 46 33.36 17.13 -21.61
N TRP B 47 34.68 16.90 -21.65
CA TRP B 47 35.53 17.56 -22.63
C TRP B 47 35.11 17.06 -24.02
N VAL B 48 34.96 17.94 -25.01
CA VAL B 48 34.56 17.58 -26.34
C VAL B 48 35.73 17.64 -27.32
N ALA B 49 36.53 18.72 -27.33
CA ALA B 49 37.65 18.79 -28.26
C ALA B 49 38.61 19.88 -27.81
N THR B 50 39.90 19.76 -28.19
CA THR B 50 40.90 20.83 -28.02
C THR B 50 41.66 21.01 -29.35
N ILE B 51 42.05 22.25 -29.65
CA ILE B 51 42.84 22.59 -30.80
C ILE B 51 43.99 23.52 -30.35
N SER B 52 45.20 23.30 -30.90
CA SER B 52 46.35 24.08 -30.55
C SER B 52 46.15 25.52 -31.04
N ASN B 53 47.00 26.45 -30.59
CA ASN B 53 46.80 27.82 -30.99
C ASN B 53 46.94 28.06 -32.49
N GLY B 54 47.78 27.28 -33.19
CA GLY B 54 47.91 27.39 -34.62
C GLY B 54 46.90 26.58 -35.40
N GLY B 55 46.22 25.64 -34.76
CA GLY B 55 45.28 24.81 -35.53
C GLY B 55 45.86 23.48 -35.99
N GLY B 56 47.15 23.23 -35.77
CA GLY B 56 47.75 22.00 -36.26
C GLY B 56 47.31 20.74 -35.52
N TYR B 57 47.08 20.82 -34.21
CA TYR B 57 46.85 19.65 -33.40
C TYR B 57 45.44 19.65 -32.83
N THR B 58 44.66 18.59 -33.04
CA THR B 58 43.33 18.51 -32.49
C THR B 58 43.19 17.21 -31.75
N TYR B 59 42.44 17.23 -30.65
CA TYR B 59 42.27 16.08 -29.80
C TYR B 59 40.80 15.98 -29.49
N TYR B 60 40.34 14.75 -29.30
CA TYR B 60 38.94 14.43 -29.14
C TYR B 60 38.83 13.15 -28.29
N PRO B 61 37.83 12.98 -27.44
CA PRO B 61 37.64 11.76 -26.70
C PRO B 61 37.06 10.79 -27.73
N ASP B 62 37.11 9.48 -27.51
CA ASP B 62 36.54 8.49 -28.43
C ASP B 62 35.06 8.66 -28.73
N SER B 63 34.23 9.17 -27.80
CA SER B 63 32.79 9.33 -28.03
C SER B 63 32.43 10.17 -29.23
N VAL B 64 33.31 11.12 -29.51
CA VAL B 64 33.10 12.11 -30.54
C VAL B 64 34.05 11.96 -31.74
N LYS B 65 35.16 11.21 -31.58
CA LYS B 65 36.17 11.13 -32.63
C LYS B 65 35.59 10.59 -33.91
N GLY B 66 35.94 11.22 -35.01
CA GLY B 66 35.42 10.78 -36.28
C GLY B 66 34.12 11.49 -36.59
N ARG B 67 33.36 11.98 -35.61
CA ARG B 67 32.09 12.66 -35.88
C ARG B 67 32.18 14.18 -35.75
N PHE B 68 32.97 14.68 -34.82
CA PHE B 68 33.11 16.12 -34.61
C PHE B 68 34.47 16.58 -35.11
N THR B 69 34.56 17.79 -35.60
CA THR B 69 35.80 18.39 -36.00
C THR B 69 35.92 19.79 -35.41
N ILE B 70 37.00 20.07 -34.70
CA ILE B 70 37.20 21.43 -34.21
C ILE B 70 38.17 22.11 -35.18
N SER B 71 37.94 23.36 -35.54
CA SER B 71 38.85 24.11 -36.38
C SER B 71 38.82 25.55 -35.92
N ARG B 72 39.74 26.39 -36.36
CA ARG B 72 39.77 27.77 -35.92
C ARG B 72 40.20 28.64 -37.09
N ASP B 73 39.77 29.88 -37.07
CA ASP B 73 40.13 30.83 -38.07
C ASP B 73 40.75 31.93 -37.25
N ASN B 74 42.06 31.97 -37.24
CA ASN B 74 42.79 32.91 -36.43
C ASN B 74 42.73 34.34 -36.91
N ALA B 75 42.45 34.60 -38.17
CA ALA B 75 42.24 35.96 -38.63
C ALA B 75 40.85 36.47 -38.23
N LYS B 76 39.85 35.60 -38.08
CA LYS B 76 38.53 36.12 -37.75
C LYS B 76 38.17 35.85 -36.31
N ASN B 77 39.14 35.47 -35.48
CA ASN B 77 38.94 35.25 -34.06
C ASN B 77 37.79 34.30 -33.76
N THR B 78 37.66 33.23 -34.52
CA THR B 78 36.51 32.34 -34.38
C THR B 78 36.92 30.89 -34.27
N LEU B 79 36.35 30.18 -33.29
CA LEU B 79 36.54 28.74 -33.14
C LEU B 79 35.30 28.00 -33.68
N TYR B 80 35.38 26.81 -34.27
CA TYR B 80 34.22 26.11 -34.80
C TYR B 80 34.19 24.66 -34.30
N LEU B 81 32.97 24.12 -34.17
CA LEU B 81 32.82 22.69 -33.93
C LEU B 81 31.80 22.19 -34.95
N GLN B 82 32.25 21.42 -35.92
CA GLN B 82 31.41 20.79 -36.91
C GLN B 82 31.00 19.47 -36.30
N MET B 83 29.73 19.22 -36.14
CA MET B 83 29.21 17.98 -35.57
C MET B 83 28.44 17.24 -36.65
N SER B 84 28.64 15.94 -36.85
CA SER B 84 27.87 15.20 -37.82
C SER B 84 27.50 13.87 -37.19
N SER B 85 26.61 13.08 -37.80
CA SER B 85 26.10 11.85 -37.21
C SER B 85 25.65 12.08 -35.77
N LEU B 86 24.86 13.15 -35.53
CA LEU B 86 24.51 13.47 -34.15
C LEU B 86 23.66 12.41 -33.50
N LYS B 87 23.89 12.17 -32.22
CA LYS B 87 23.22 11.13 -31.50
C LYS B 87 22.48 11.79 -30.35
N SER B 88 21.49 11.11 -29.76
CA SER B 88 20.69 11.66 -28.65
C SER B 88 21.59 12.07 -27.48
N GLU B 89 22.59 11.21 -27.26
CA GLU B 89 23.68 11.40 -26.31
C GLU B 89 24.45 12.73 -26.52
N ASP B 90 24.33 13.41 -27.64
CA ASP B 90 25.08 14.65 -27.82
C ASP B 90 24.27 15.88 -27.41
N SER B 91 23.01 15.70 -27.03
CA SER B 91 22.18 16.78 -26.51
C SER B 91 22.87 17.38 -25.28
N ALA B 92 23.12 18.68 -25.22
CA ALA B 92 23.83 19.24 -24.06
C ALA B 92 23.97 20.73 -24.25
N MET B 93 24.43 21.42 -23.23
CA MET B 93 24.80 22.83 -23.37
C MET B 93 26.26 22.77 -23.77
N TYR B 94 26.65 23.32 -24.91
CA TYR B 94 28.04 23.32 -25.35
C TYR B 94 28.69 24.67 -25.04
N TYR B 95 29.94 24.62 -24.56
CA TYR B 95 30.69 25.78 -24.13
C TYR B 95 32.05 25.76 -24.74
N CYS B 96 32.57 26.93 -25.16
CA CYS B 96 33.94 26.96 -25.59
C CYS B 96 34.71 27.67 -24.52
N ALA B 97 35.97 27.31 -24.38
CA ALA B 97 36.79 27.76 -23.26
C ALA B 97 38.23 27.87 -23.74
N ARG B 98 38.99 28.76 -23.12
CA ARG B 98 40.34 29.08 -23.52
C ARG B 98 41.24 28.19 -22.70
N ARG B 99 42.28 27.72 -23.35
CA ARG B 99 43.31 26.98 -22.64
C ARG B 99 44.38 27.99 -22.22
N GLU B 100 44.66 28.14 -20.95
CA GLU B 100 45.53 29.21 -20.49
C GLU B 100 47.00 29.04 -20.71
N ARG B 101 47.69 30.18 -20.83
CA ARG B 101 49.13 30.16 -21.04
C ARG B 101 49.93 29.89 -19.77
N TYR B 102 51.26 29.90 -19.87
CA TYR B 102 52.19 29.73 -18.76
C TYR B 102 52.01 28.34 -18.12
N ASP B 103 51.58 27.42 -18.97
CA ASP B 103 51.26 26.04 -18.63
C ASP B 103 50.09 25.86 -17.66
N GLU B 104 49.21 26.85 -17.48
CA GLU B 104 48.02 26.68 -16.62
C GLU B 104 46.96 25.82 -17.33
N ASN B 105 46.75 26.00 -18.64
CA ASN B 105 45.86 25.17 -19.46
C ASN B 105 44.45 25.16 -18.86
N GLY B 106 43.84 24.01 -18.59
CA GLY B 106 42.50 24.05 -18.00
C GLY B 106 41.51 24.56 -19.02
N PHE B 107 40.38 25.02 -18.51
CA PHE B 107 39.33 25.47 -19.40
C PHE B 107 38.90 26.75 -18.75
N ALA B 108 39.05 27.93 -19.40
CA ALA B 108 38.75 29.17 -18.70
C ALA B 108 37.94 30.11 -19.50
N TYR B 109 37.28 31.05 -18.79
CA TYR B 109 36.48 32.11 -19.39
C TYR B 109 35.41 31.55 -20.33
N TRP B 110 34.71 30.54 -19.81
CA TRP B 110 33.66 29.80 -20.51
C TRP B 110 32.58 30.76 -20.92
N GLY B 111 31.98 30.60 -22.10
CA GLY B 111 30.90 31.52 -22.44
C GLY B 111 29.64 31.09 -21.70
N GLN B 112 28.50 31.65 -22.10
CA GLN B 112 27.23 31.29 -21.50
C GLN B 112 26.67 29.97 -22.06
N GLY B 113 27.24 29.47 -23.17
CA GLY B 113 26.90 28.17 -23.75
C GLY B 113 25.83 28.24 -24.82
N THR B 114 25.73 27.23 -25.67
CA THR B 114 24.68 27.21 -26.67
C THR B 114 23.99 25.82 -26.54
N LEU B 115 22.66 25.75 -26.74
CA LEU B 115 22.00 24.50 -26.40
C LEU B 115 21.74 23.68 -27.62
N VAL B 116 22.19 22.44 -27.57
CA VAL B 116 21.96 21.52 -28.68
C VAL B 116 20.99 20.43 -28.31
N THR B 117 19.90 20.27 -29.02
CA THR B 117 18.94 19.23 -28.68
C THR B 117 18.88 18.31 -29.85
N VAL B 118 19.28 17.07 -29.71
CA VAL B 118 19.23 16.19 -30.86
C VAL B 118 18.01 15.37 -30.63
N SER B 119 17.01 15.44 -31.48
CA SER B 119 15.79 14.68 -31.21
C SER B 119 14.97 14.58 -32.47
N ALA B 120 14.14 13.53 -32.51
CA ALA B 120 13.23 13.32 -33.62
C ALA B 120 11.90 14.06 -33.40
N ALA B 121 11.55 14.42 -32.16
CA ALA B 121 10.30 15.13 -31.86
C ALA B 121 10.26 16.47 -32.55
N LYS B 122 9.10 17.01 -32.95
CA LYS B 122 9.14 18.28 -33.65
C LYS B 122 8.83 19.43 -32.69
N THR B 123 9.16 20.67 -33.06
CA THR B 123 8.80 21.83 -32.26
C THR B 123 7.31 21.83 -31.96
N THR B 124 6.93 21.88 -30.71
CA THR B 124 5.52 21.85 -30.30
C THR B 124 5.35 22.98 -29.32
N ALA B 125 4.37 23.84 -29.56
CA ALA B 125 4.07 24.94 -28.65
C ALA B 125 3.49 24.43 -27.33
N PRO B 126 3.60 25.13 -26.20
CA PRO B 126 3.03 24.67 -24.96
C PRO B 126 1.54 24.98 -24.85
N SER B 127 0.81 24.22 -24.05
CA SER B 127 -0.51 24.60 -23.63
C SER B 127 -0.29 25.11 -22.22
N VAL B 128 -0.79 26.28 -21.89
CA VAL B 128 -0.55 26.90 -20.60
C VAL B 128 -1.84 26.84 -19.80
N TYR B 129 -1.84 26.27 -18.62
CA TYR B 129 -3.04 26.12 -17.86
C TYR B 129 -2.94 26.83 -16.54
N PRO B 130 -3.95 27.62 -16.19
CA PRO B 130 -4.02 28.32 -14.92
C PRO B 130 -4.31 27.31 -13.80
N LEU B 131 -3.73 27.48 -12.61
CA LEU B 131 -4.05 26.58 -11.51
C LEU B 131 -4.52 27.44 -10.38
N ALA B 132 -5.84 27.46 -10.20
CA ALA B 132 -6.50 28.26 -9.18
C ALA B 132 -7.02 27.29 -8.13
N PRO B 133 -7.10 27.63 -6.85
CA PRO B 133 -7.61 26.72 -5.83
C PRO B 133 -9.12 26.63 -5.89
N VAL B 134 -9.80 25.46 -5.91
CA VAL B 134 -11.26 25.54 -5.80
C VAL B 134 -11.57 25.71 -4.34
N SER B 141 -3.44 33.40 6.23
CA SER B 141 -2.76 34.41 5.43
C SER B 141 -2.51 34.23 3.92
N SER B 142 -2.11 33.11 3.33
CA SER B 142 -1.79 33.14 1.94
C SER B 142 -2.48 32.11 1.11
N VAL B 143 -2.46 32.30 -0.20
CA VAL B 143 -2.97 31.37 -1.20
C VAL B 143 -1.83 31.08 -2.15
N THR B 144 -1.72 29.84 -2.61
CA THR B 144 -0.80 29.42 -3.64
C THR B 144 -1.55 29.23 -4.96
N LEU B 145 -1.15 29.96 -5.98
CA LEU B 145 -1.71 29.81 -7.32
C LEU B 145 -0.62 29.14 -8.16
N GLY B 146 -0.90 28.70 -9.36
CA GLY B 146 0.14 28.00 -10.12
C GLY B 146 -0.13 28.11 -11.59
N CYS B 147 0.76 27.49 -12.33
CA CYS B 147 0.69 27.61 -13.76
C CYS B 147 1.36 26.41 -14.34
N LEU B 148 0.69 25.68 -15.23
CA LEU B 148 1.22 24.43 -15.77
C LEU B 148 1.54 24.65 -17.24
N VAL B 149 2.75 24.36 -17.72
CA VAL B 149 3.10 24.65 -19.10
C VAL B 149 3.45 23.28 -19.61
N LYS B 150 2.55 22.76 -20.41
CA LYS B 150 2.58 21.36 -20.82
C LYS B 150 2.76 21.07 -22.29
N GLY B 151 3.64 20.14 -22.56
CA GLY B 151 3.76 19.59 -23.89
C GLY B 151 4.47 20.46 -24.92
N TYR B 152 5.58 21.08 -24.51
CA TYR B 152 6.30 21.89 -25.48
C TYR B 152 7.59 21.18 -25.85
N PHE B 153 8.20 21.65 -26.93
CA PHE B 153 9.45 21.11 -27.40
C PHE B 153 10.00 22.07 -28.44
N PRO B 154 11.30 22.45 -28.42
CA PRO B 154 12.29 22.01 -27.42
C PRO B 154 12.33 23.06 -26.30
N GLU B 155 13.27 22.90 -25.40
CA GLU B 155 13.59 23.95 -24.41
C GLU B 155 14.27 25.14 -25.12
N PRO B 156 14.26 26.38 -24.63
CA PRO B 156 13.63 26.81 -23.41
C PRO B 156 12.24 27.44 -23.54
N VAL B 157 11.62 27.68 -22.37
CA VAL B 157 10.45 28.52 -22.25
C VAL B 157 10.88 29.45 -21.17
N THR B 158 10.33 30.63 -21.16
CA THR B 158 10.57 31.62 -20.14
C THR B 158 9.25 31.71 -19.36
N LEU B 159 9.25 31.85 -18.05
CA LEU B 159 7.98 32.03 -17.32
C LEU B 159 8.18 33.03 -16.21
N THR B 160 7.38 34.10 -16.20
CA THR B 160 7.43 35.05 -15.12
C THR B 160 6.01 35.27 -14.60
N TRP B 161 5.90 35.90 -13.46
CA TRP B 161 4.62 36.26 -12.88
C TRP B 161 4.56 37.78 -12.87
N ASN B 162 3.41 38.29 -13.34
CA ASN B 162 3.09 39.70 -13.41
C ASN B 162 4.21 40.50 -14.07
N SER B 163 4.66 39.99 -15.22
CA SER B 163 5.73 40.57 -16.03
C SER B 163 6.96 40.83 -15.19
N GLY B 164 7.29 39.91 -14.28
CA GLY B 164 8.46 40.04 -13.44
C GLY B 164 8.21 40.79 -12.12
N SER B 165 7.14 41.57 -11.95
CA SER B 165 6.92 42.25 -10.67
C SER B 165 6.78 41.34 -9.46
N LEU B 166 6.43 40.08 -9.66
CA LEU B 166 6.22 39.17 -8.57
C LEU B 166 7.37 38.20 -8.58
N SER B 167 8.24 38.20 -7.58
CA SER B 167 9.35 37.25 -7.58
C SER B 167 9.51 36.54 -6.24
N SER B 168 9.10 37.17 -5.15
CA SER B 168 9.14 36.55 -3.85
C SER B 168 7.92 35.63 -3.74
N GLY B 169 8.13 34.43 -3.21
CA GLY B 169 7.05 33.46 -3.09
C GLY B 169 6.80 32.66 -4.36
N VAL B 170 7.76 32.67 -5.31
CA VAL B 170 7.64 32.02 -6.60
C VAL B 170 8.49 30.77 -6.66
N HIS B 171 8.00 29.62 -7.14
CA HIS B 171 8.87 28.49 -7.40
C HIS B 171 8.62 28.02 -8.82
N THR B 172 9.61 27.93 -9.70
CA THR B 172 9.41 27.41 -11.04
C THR B 172 10.17 26.11 -11.03
N PHE B 173 9.57 24.99 -11.39
CA PHE B 173 10.23 23.72 -11.28
C PHE B 173 10.90 23.43 -12.60
N PRO B 174 12.10 22.86 -12.61
CA PRO B 174 12.80 22.50 -13.84
C PRO B 174 11.97 21.62 -14.74
N ALA B 175 12.02 21.87 -16.05
CA ALA B 175 11.24 21.08 -16.99
C ALA B 175 11.69 19.62 -17.00
N VAL B 176 10.73 18.70 -17.20
CA VAL B 176 11.05 17.28 -17.28
C VAL B 176 10.43 16.78 -18.56
N LEU B 177 11.10 15.86 -19.23
CA LEU B 177 10.70 15.32 -20.52
C LEU B 177 9.83 14.07 -20.39
N GLN B 178 8.56 14.19 -20.73
CA GLN B 178 7.60 13.10 -20.67
C GLN B 178 7.22 12.73 -22.09
N SER B 179 7.50 11.53 -22.57
CA SER B 179 7.07 11.12 -23.90
C SER B 179 7.54 12.06 -25.02
N ASP B 180 8.81 12.49 -24.96
CA ASP B 180 9.39 13.47 -25.88
C ASP B 180 8.76 14.86 -25.88
N LEU B 181 8.09 15.25 -24.80
CA LEU B 181 7.56 16.59 -24.66
C LEU B 181 7.90 17.06 -23.26
N TYR B 182 8.15 18.33 -23.04
CA TYR B 182 8.46 18.83 -21.72
C TYR B 182 7.23 19.37 -21.01
N THR B 183 7.29 19.31 -19.69
CA THR B 183 6.30 19.94 -18.84
C THR B 183 7.06 20.68 -17.80
N LEU B 184 6.55 21.84 -17.48
CA LEU B 184 7.14 22.71 -16.50
C LEU B 184 5.98 23.26 -15.69
N SER B 185 6.17 23.65 -14.44
CA SER B 185 5.13 24.32 -13.70
C SER B 185 5.80 25.35 -12.81
N SER B 186 5.03 26.26 -12.26
CA SER B 186 5.48 27.28 -11.34
C SER B 186 4.37 27.53 -10.34
N SER B 187 4.69 27.85 -9.09
CA SER B 187 3.73 28.26 -8.09
C SER B 187 4.08 29.67 -7.62
N VAL B 188 3.08 30.40 -7.18
CA VAL B 188 3.31 31.66 -6.53
C VAL B 188 2.38 31.71 -5.31
N THR B 189 2.92 32.11 -4.17
CA THR B 189 2.14 32.23 -2.96
C THR B 189 1.95 33.70 -2.63
N VAL B 190 0.72 34.20 -2.56
CA VAL B 190 0.48 35.59 -2.23
C VAL B 190 -0.43 35.66 -1.02
N THR B 191 -0.57 36.79 -0.35
CA THR B 191 -1.55 36.93 0.73
C THR B 191 -2.98 36.96 0.16
N SER B 192 -3.96 36.46 0.90
CA SER B 192 -5.36 36.45 0.50
C SER B 192 -5.96 37.82 0.16
N SER B 193 -5.35 38.94 0.56
CA SER B 193 -5.86 40.27 0.19
C SER B 193 -5.43 40.67 -1.22
N THR B 194 -4.37 40.01 -1.70
CA THR B 194 -3.82 40.27 -3.02
C THR B 194 -4.74 39.63 -4.05
N TRP B 195 -4.79 38.30 -4.10
CA TRP B 195 -5.64 37.66 -5.10
C TRP B 195 -6.92 37.29 -4.35
N PRO B 196 -8.11 37.36 -4.94
CA PRO B 196 -8.34 37.76 -6.32
C PRO B 196 -8.61 39.20 -6.68
N SER B 197 -8.34 40.19 -5.85
CA SER B 197 -8.67 41.55 -6.25
C SER B 197 -7.71 41.98 -7.33
N GLN B 198 -6.41 41.81 -7.02
CA GLN B 198 -5.36 42.11 -7.95
C GLN B 198 -5.22 40.88 -8.86
N SER B 199 -4.96 41.11 -10.13
CA SER B 199 -4.72 40.01 -11.03
C SER B 199 -3.31 39.47 -10.87
N ILE B 200 -3.22 38.16 -10.99
CA ILE B 200 -1.96 37.44 -11.05
C ILE B 200 -1.96 36.76 -12.43
N THR B 201 -0.98 37.12 -13.24
CA THR B 201 -0.81 36.58 -14.57
C THR B 201 0.56 35.88 -14.66
N CYS B 202 0.47 34.73 -15.30
CA CYS B 202 1.56 33.85 -15.64
C CYS B 202 2.01 34.16 -17.07
N ASN B 203 3.19 34.72 -17.27
CA ASN B 203 3.63 35.16 -18.62
C ASN B 203 4.56 34.09 -19.14
N VAL B 204 4.15 33.39 -20.19
CA VAL B 204 4.96 32.31 -20.72
C VAL B 204 5.42 32.68 -22.13
N ALA B 205 6.66 32.36 -22.48
CA ALA B 205 7.13 32.57 -23.84
C ALA B 205 7.85 31.33 -24.30
N HIS B 206 7.56 30.80 -25.46
CA HIS B 206 8.30 29.67 -26.01
C HIS B 206 8.85 30.17 -27.35
N PRO B 207 10.13 30.63 -27.43
CA PRO B 207 10.73 31.17 -28.66
C PRO B 207 10.67 30.25 -29.83
N ALA B 208 10.87 28.95 -29.68
CA ALA B 208 10.93 28.09 -30.85
C ALA B 208 9.63 27.94 -31.62
N SER B 209 8.48 28.07 -30.94
CA SER B 209 7.24 28.03 -31.69
C SER B 209 6.70 29.42 -31.85
N SER B 210 7.43 30.44 -31.38
CA SER B 210 6.96 31.82 -31.47
C SER B 210 5.61 32.01 -30.76
N THR B 211 5.53 31.51 -29.52
CA THR B 211 4.32 31.57 -28.70
C THR B 211 4.52 32.49 -27.48
N LYS B 212 3.60 33.40 -27.21
CA LYS B 212 3.61 34.20 -26.01
C LYS B 212 2.18 34.21 -25.45
N VAL B 213 2.07 33.91 -24.17
CA VAL B 213 0.78 33.83 -23.48
C VAL B 213 0.86 34.58 -22.15
N ASP B 214 -0.06 35.49 -21.89
CA ASP B 214 -0.17 36.03 -20.56
C ASP B 214 -1.44 35.42 -20.01
N LYS B 215 -1.32 34.40 -19.17
CA LYS B 215 -2.49 33.66 -18.65
C LYS B 215 -2.92 34.15 -17.28
N LYS B 216 -4.10 34.76 -17.20
CA LYS B 216 -4.61 35.27 -15.94
C LYS B 216 -5.16 34.12 -15.11
N ILE B 217 -4.80 34.08 -13.82
CA ILE B 217 -5.35 33.03 -12.99
C ILE B 217 -6.64 33.57 -12.38
N GLU B 218 -7.78 33.22 -12.98
CA GLU B 218 -9.06 33.57 -12.43
C GLU B 218 -9.63 32.58 -11.40
N PRO B 219 -10.53 33.02 -10.50
CA PRO B 219 -11.18 32.16 -9.51
C PRO B 219 -12.11 31.20 -10.25
N ARG B 220 -12.96 31.85 -11.03
CA ARG B 220 -13.89 31.26 -11.95
C ARG B 220 -13.66 32.14 -13.17
N ASP C 1 -39.63 -25.28 -4.91
CA ASP C 1 -39.28 -25.27 -3.51
C ASP C 1 -39.70 -23.86 -3.15
N ILE C 2 -40.07 -23.59 -1.91
CA ILE C 2 -40.47 -22.29 -1.46
C ILE C 2 -39.17 -21.77 -0.89
N VAL C 3 -38.69 -20.71 -1.50
CA VAL C 3 -37.49 -20.03 -1.02
C VAL C 3 -37.88 -19.10 0.12
N MET C 4 -37.15 -19.11 1.24
CA MET C 4 -37.40 -18.26 2.39
C MET C 4 -36.27 -17.23 2.51
N THR C 5 -36.53 -15.94 2.47
CA THR C 5 -35.47 -14.95 2.55
C THR C 5 -35.61 -14.13 3.80
N GLN C 6 -34.57 -14.06 4.61
CA GLN C 6 -34.61 -13.26 5.81
C GLN C 6 -33.80 -11.98 5.67
N SER C 7 -34.22 -10.95 6.35
CA SER C 7 -33.58 -9.66 6.29
C SER C 7 -33.74 -9.00 7.64
N PRO C 8 -32.73 -8.38 8.24
CA PRO C 8 -31.34 -8.28 7.73
C PRO C 8 -30.56 -9.54 8.01
N SER C 9 -29.33 -9.71 7.52
CA SER C 9 -28.58 -10.90 7.87
C SER C 9 -28.05 -10.76 9.26
N SER C 10 -27.76 -9.53 9.65
CA SER C 10 -27.14 -9.24 10.93
C SER C 10 -27.72 -7.95 11.38
N LEU C 11 -27.88 -7.70 12.68
CA LEU C 11 -28.44 -6.47 13.15
C LEU C 11 -27.75 -6.07 14.43
N THR C 12 -27.30 -4.85 14.61
CA THR C 12 -26.68 -4.46 15.85
C THR C 12 -27.77 -3.73 16.62
N VAL C 13 -27.91 -4.05 17.88
CA VAL C 13 -29.02 -3.55 18.62
C VAL C 13 -28.49 -3.08 19.95
N THR C 14 -29.15 -2.08 20.54
CA THR C 14 -28.85 -1.68 21.91
C THR C 14 -29.88 -2.34 22.81
N ALA C 15 -29.49 -2.76 24.00
CA ALA C 15 -30.45 -3.35 24.91
C ALA C 15 -31.56 -2.37 25.20
N GLY C 16 -32.81 -2.86 25.19
CA GLY C 16 -33.97 -2.09 25.53
C GLY C 16 -34.66 -1.56 24.30
N GLU C 17 -34.05 -1.64 23.12
CA GLU C 17 -34.65 -1.12 21.90
C GLU C 17 -35.60 -2.12 21.22
N LYS C 18 -36.47 -1.63 20.33
CA LYS C 18 -37.41 -2.44 19.56
C LYS C 18 -36.68 -2.97 18.36
N VAL C 19 -36.72 -4.28 18.14
CA VAL C 19 -36.04 -4.95 17.05
C VAL C 19 -37.06 -5.57 16.10
N THR C 20 -36.98 -5.41 14.78
CA THR C 20 -37.87 -6.16 13.92
C THR C 20 -37.01 -6.88 12.87
N MET C 21 -37.39 -8.08 12.42
CA MET C 21 -36.70 -8.80 11.37
C MET C 21 -37.76 -9.46 10.46
N SER C 22 -37.51 -9.55 9.16
CA SER C 22 -38.48 -10.01 8.20
C SER C 22 -38.11 -11.35 7.65
N CYS C 23 -39.08 -12.05 7.11
CA CYS C 23 -38.93 -13.35 6.52
C CYS C 23 -39.91 -13.34 5.38
N THR C 24 -39.48 -13.55 4.13
CA THR C 24 -40.47 -13.61 3.04
C THR C 24 -40.41 -14.98 2.43
N SER C 25 -41.56 -15.57 2.08
CA SER C 25 -41.56 -16.84 1.36
C SER C 25 -41.93 -16.55 -0.09
N SER C 26 -41.43 -17.30 -1.05
CA SER C 26 -41.75 -17.07 -2.43
C SER C 26 -43.18 -17.44 -2.79
N GLN C 27 -43.87 -18.22 -1.96
CA GLN C 27 -45.23 -18.63 -2.21
C GLN C 27 -45.95 -18.50 -0.89
N SER C 28 -47.27 -18.40 -0.91
CA SER C 28 -48.00 -18.24 0.31
C SER C 28 -47.95 -19.47 1.17
N LEU C 29 -47.87 -19.19 2.46
CA LEU C 29 -47.87 -20.23 3.48
C LEU C 29 -49.23 -20.29 4.18
N PHE C 30 -50.26 -19.68 3.57
CA PHE C 30 -51.54 -19.60 4.19
C PHE C 30 -52.38 -20.83 3.80
N ASN C 31 -52.98 -21.49 4.76
CA ASN C 31 -53.92 -22.58 4.47
C ASN C 31 -55.32 -22.15 4.91
N SER C 32 -56.21 -21.92 3.95
CA SER C 32 -57.58 -21.51 4.24
C SER C 32 -58.40 -22.52 5.03
N GLY C 33 -58.17 -23.82 4.85
CA GLY C 33 -58.93 -24.83 5.55
C GLY C 33 -58.79 -24.74 7.07
N LYS C 34 -57.64 -24.30 7.56
CA LYS C 34 -57.45 -24.21 8.99
C LYS C 34 -57.24 -22.77 9.40
N GLN C 35 -57.37 -21.86 8.43
CA GLN C 35 -57.21 -20.44 8.60
C GLN C 35 -55.88 -20.03 9.28
N LYS C 36 -54.75 -20.62 8.86
CA LYS C 36 -53.46 -20.26 9.44
C LYS C 36 -52.28 -20.39 8.52
N ASN C 37 -51.23 -19.65 8.84
CA ASN C 37 -49.99 -19.59 8.08
C ASN C 37 -48.99 -20.49 8.73
N TYR C 38 -48.37 -21.41 7.97
CA TYR C 38 -47.42 -22.33 8.57
C TYR C 38 -45.95 -21.90 8.42
N LEU C 39 -45.66 -20.90 9.23
CA LEU C 39 -44.37 -20.27 9.30
C LEU C 39 -43.92 -20.42 10.74
N THR C 40 -42.76 -21.04 10.99
CA THR C 40 -42.26 -21.16 12.34
C THR C 40 -40.89 -20.45 12.43
N TRP C 41 -40.66 -19.78 13.54
CA TRP C 41 -39.43 -19.09 13.89
C TRP C 41 -38.71 -19.90 14.96
N TYR C 42 -37.38 -20.02 14.81
CA TYR C 42 -36.49 -20.72 15.72
C TYR C 42 -35.46 -19.74 16.22
N GLN C 43 -34.96 -20.01 17.39
CA GLN C 43 -33.96 -19.21 18.01
C GLN C 43 -32.81 -20.16 18.28
N GLN C 44 -31.59 -19.85 17.84
CA GLN C 44 -30.44 -20.67 18.13
C GLN C 44 -29.37 -19.80 18.79
N LYS C 45 -29.16 -20.15 20.04
CA LYS C 45 -28.17 -19.48 20.85
C LYS C 45 -26.82 -20.13 20.68
N PRO C 46 -25.73 -19.43 20.93
CA PRO C 46 -24.39 -19.98 20.81
C PRO C 46 -24.16 -21.30 21.54
N GLY C 47 -23.71 -22.27 20.76
CA GLY C 47 -23.35 -23.57 21.27
C GLY C 47 -24.51 -24.52 21.55
N GLN C 48 -25.69 -24.27 20.99
CA GLN C 48 -26.82 -25.15 21.20
C GLN C 48 -27.73 -25.30 19.99
N PRO C 49 -28.58 -26.31 19.93
CA PRO C 49 -29.48 -26.51 18.82
C PRO C 49 -30.55 -25.44 18.76
N PRO C 50 -31.16 -25.24 17.60
CA PRO C 50 -32.27 -24.31 17.45
C PRO C 50 -33.42 -24.77 18.37
N LYS C 51 -34.25 -23.85 18.79
CA LYS C 51 -35.37 -24.17 19.64
C LYS C 51 -36.56 -23.40 19.04
N VAL C 52 -37.75 -24.01 18.91
CA VAL C 52 -38.94 -23.35 18.39
C VAL C 52 -39.33 -22.16 19.25
N LEU C 53 -39.60 -21.04 18.65
CA LEU C 53 -39.94 -19.84 19.39
C LEU C 53 -41.42 -19.51 19.18
N ILE C 54 -41.83 -19.50 17.90
CA ILE C 54 -43.14 -19.09 17.47
C ILE C 54 -43.56 -20.02 16.33
N TYR C 55 -44.80 -20.55 16.35
CA TYR C 55 -45.29 -21.37 15.27
C TYR C 55 -46.60 -20.78 14.77
N TRP C 56 -47.08 -21.25 13.62
CA TRP C 56 -48.28 -20.69 12.95
C TRP C 56 -48.26 -19.15 12.84
N ALA C 57 -47.07 -18.60 12.48
CA ALA C 57 -46.77 -17.18 12.33
C ALA C 57 -46.82 -16.36 13.62
N SER C 58 -47.74 -16.61 14.58
CA SER C 58 -47.84 -15.78 15.75
C SER C 58 -48.10 -16.48 17.04
N THR C 59 -48.06 -17.81 17.15
CA THR C 59 -48.29 -18.43 18.45
C THR C 59 -46.96 -18.74 19.11
N ARG C 60 -46.76 -18.18 20.28
CA ARG C 60 -45.55 -18.40 21.00
C ARG C 60 -45.58 -19.77 21.63
N GLU C 61 -44.42 -20.42 21.70
CA GLU C 61 -44.27 -21.63 22.49
C GLU C 61 -44.38 -21.25 23.95
N SER C 62 -44.60 -22.21 24.84
CA SER C 62 -44.68 -21.91 26.25
C SER C 62 -43.31 -21.53 26.78
N GLY C 63 -43.29 -20.49 27.59
CA GLY C 63 -42.01 -20.04 28.12
C GLY C 63 -41.44 -18.94 27.25
N VAL C 64 -41.87 -18.73 26.00
CA VAL C 64 -41.34 -17.62 25.22
C VAL C 64 -41.93 -16.35 25.81
N PRO C 65 -41.18 -15.31 26.17
CA PRO C 65 -41.77 -14.09 26.76
C PRO C 65 -42.60 -13.19 25.82
N ASP C 66 -43.48 -12.37 26.38
CA ASP C 66 -44.37 -11.46 25.67
C ASP C 66 -43.61 -10.49 24.78
N ARG C 67 -42.35 -10.19 25.10
CA ARG C 67 -41.65 -9.28 24.24
C ARG C 67 -41.43 -9.77 22.81
N PHE C 68 -41.59 -11.07 22.55
CA PHE C 68 -41.56 -11.63 21.20
C PHE C 68 -42.94 -11.67 20.53
N THR C 69 -43.11 -11.03 19.38
CA THR C 69 -44.36 -11.05 18.62
C THR C 69 -44.08 -11.46 17.18
N GLY C 70 -44.69 -12.53 16.66
CA GLY C 70 -44.58 -12.85 15.25
C GLY C 70 -45.79 -12.28 14.55
N SER C 71 -45.65 -11.79 13.34
CA SER C 71 -46.77 -11.29 12.61
C SER C 71 -46.59 -11.54 11.15
N GLY C 72 -47.63 -11.27 10.38
CA GLY C 72 -47.58 -11.38 8.95
C GLY C 72 -48.52 -12.46 8.48
N SER C 73 -48.68 -12.55 7.18
CA SER C 73 -49.54 -13.54 6.59
C SER C 73 -49.13 -13.66 5.14
N GLY C 74 -49.41 -14.79 4.54
CA GLY C 74 -49.22 -14.96 3.12
C GLY C 74 -47.77 -15.20 2.85
N THR C 75 -47.07 -14.12 2.46
CA THR C 75 -45.66 -14.25 2.12
C THR C 75 -44.74 -13.34 2.91
N ASP C 76 -45.28 -12.44 3.75
CA ASP C 76 -44.44 -11.48 4.43
C ASP C 76 -44.66 -11.62 5.91
N PHE C 77 -43.61 -11.96 6.65
CA PHE C 77 -43.71 -12.15 8.09
C PHE C 77 -42.61 -11.38 8.81
N THR C 78 -42.86 -10.99 10.05
CA THR C 78 -41.96 -10.17 10.83
C THR C 78 -41.89 -10.76 12.23
N LEU C 79 -40.72 -10.77 12.83
CA LEU C 79 -40.55 -11.06 14.25
C LEU C 79 -40.11 -9.74 14.88
N THR C 80 -40.78 -9.32 15.95
CA THR C 80 -40.51 -8.09 16.63
C THR C 80 -40.15 -8.43 18.06
N ILE C 81 -39.12 -7.81 18.62
CA ILE C 81 -38.79 -7.93 20.01
C ILE C 81 -39.02 -6.51 20.48
N SER C 82 -39.94 -6.32 21.41
CA SER C 82 -40.34 -4.98 21.77
C SER C 82 -39.26 -4.26 22.54
N SER C 83 -38.48 -4.99 23.31
CA SER C 83 -37.43 -4.42 24.11
C SER C 83 -36.36 -5.50 24.23
N VAL C 84 -35.32 -5.46 23.37
CA VAL C 84 -34.37 -6.56 23.29
C VAL C 84 -33.48 -6.58 24.47
N GLN C 85 -33.27 -7.76 24.98
CA GLN C 85 -32.56 -7.99 26.20
C GLN C 85 -31.35 -8.80 25.84
N ALA C 86 -30.32 -8.78 26.67
CA ALA C 86 -29.08 -9.45 26.33
C ALA C 86 -29.25 -10.94 26.13
N GLU C 87 -30.21 -11.56 26.82
CA GLU C 87 -30.45 -12.98 26.64
C GLU C 87 -31.12 -13.27 25.30
N ASP C 88 -31.56 -12.24 24.56
CA ASP C 88 -32.14 -12.45 23.26
C ASP C 88 -31.10 -12.46 22.16
N LEU C 89 -29.84 -12.24 22.45
CA LEU C 89 -28.83 -12.21 21.38
C LEU C 89 -28.72 -13.61 20.84
N ALA C 90 -29.06 -13.84 19.56
CA ALA C 90 -29.02 -15.20 18.99
C ALA C 90 -29.14 -15.10 17.49
N VAL C 91 -29.23 -16.21 16.79
CA VAL C 91 -29.56 -16.20 15.38
C VAL C 91 -31.00 -16.72 15.31
N TYR C 92 -31.87 -15.96 14.63
CA TYR C 92 -33.28 -16.25 14.48
C TYR C 92 -33.52 -16.77 13.08
N TYR C 93 -34.07 -17.97 12.95
CA TYR C 93 -34.32 -18.54 11.63
C TYR C 93 -35.82 -18.65 11.35
N CYS C 94 -36.34 -18.36 10.16
CA CYS C 94 -37.71 -18.75 9.92
C CYS C 94 -37.79 -19.99 9.04
N GLN C 95 -38.96 -20.64 8.97
CA GLN C 95 -39.08 -21.92 8.30
C GLN C 95 -40.43 -22.10 7.65
N ASN C 96 -40.39 -22.53 6.39
CA ASN C 96 -41.59 -22.91 5.68
C ASN C 96 -41.94 -24.28 6.21
N ASP C 97 -43.04 -24.37 6.98
CA ASP C 97 -43.49 -25.66 7.51
C ASP C 97 -44.78 -26.07 6.82
N TYR C 98 -45.05 -25.52 5.65
CA TYR C 98 -46.33 -25.70 4.99
C TYR C 98 -46.21 -26.72 3.89
N SER C 99 -45.17 -26.69 3.05
CA SER C 99 -45.11 -27.62 1.95
C SER C 99 -43.71 -28.19 1.75
N ASN C 100 -43.61 -29.45 1.30
CA ASN C 100 -42.32 -30.05 1.06
C ASN C 100 -41.71 -29.56 -0.24
N PRO C 101 -40.39 -29.31 -0.32
CA PRO C 101 -39.44 -29.47 0.76
C PRO C 101 -39.57 -28.37 1.81
N LEU C 102 -39.36 -28.73 3.06
CA LEU C 102 -39.43 -27.84 4.19
C LEU C 102 -38.16 -27.03 4.12
N THR C 103 -38.27 -25.72 4.12
CA THR C 103 -37.11 -24.90 3.88
C THR C 103 -36.89 -23.85 4.97
N PHE C 104 -35.65 -23.51 5.24
CA PHE C 104 -35.28 -22.49 6.21
C PHE C 104 -34.74 -21.24 5.51
N GLY C 105 -34.95 -20.09 6.16
CA GLY C 105 -34.34 -18.83 5.78
C GLY C 105 -32.89 -18.88 6.20
N GLY C 106 -32.10 -17.90 5.79
CA GLY C 106 -30.68 -17.94 6.11
C GLY C 106 -30.36 -17.40 7.47
N GLY C 107 -31.33 -16.86 8.24
CA GLY C 107 -31.06 -16.41 9.58
C GLY C 107 -30.71 -14.92 9.72
N THR C 108 -31.08 -14.36 10.87
CA THR C 108 -30.77 -13.00 11.26
C THR C 108 -30.02 -13.12 12.57
N LYS C 109 -28.78 -12.66 12.61
CA LYS C 109 -28.00 -12.69 13.83
C LYS C 109 -28.11 -11.34 14.52
N LEU C 110 -28.39 -11.33 15.81
CA LEU C 110 -28.41 -10.09 16.55
C LEU C 110 -27.08 -9.86 17.25
N GLU C 111 -26.57 -8.65 17.29
CA GLU C 111 -25.30 -8.38 17.97
C GLU C 111 -25.50 -7.13 18.80
N LEU C 112 -24.70 -6.91 19.82
CA LEU C 112 -25.01 -5.87 20.77
C LEU C 112 -24.07 -4.72 20.50
N LYS C 113 -24.59 -3.52 20.43
CA LYS C 113 -23.84 -2.30 20.20
C LYS C 113 -23.02 -2.01 21.44
N ARG C 114 -21.74 -1.68 21.28
CA ARG C 114 -20.98 -1.16 22.40
C ARG C 114 -20.09 -0.04 21.86
N ALA C 115 -19.35 0.64 22.72
CA ALA C 115 -18.45 1.71 22.31
C ALA C 115 -17.33 1.17 21.47
N ASP C 116 -16.77 2.02 20.61
CA ASP C 116 -15.62 1.65 19.79
C ASP C 116 -14.46 1.16 20.66
N ALA C 117 -13.75 0.14 20.20
CA ALA C 117 -12.62 -0.36 20.97
C ALA C 117 -11.60 -0.79 19.95
N ALA C 118 -10.39 -0.26 20.10
CA ALA C 118 -9.32 -0.58 19.18
C ALA C 118 -8.69 -1.92 19.53
N PRO C 119 -8.21 -2.67 18.56
CA PRO C 119 -7.58 -3.97 18.80
C PRO C 119 -6.26 -3.87 19.53
N THR C 120 -6.00 -4.80 20.45
CA THR C 120 -4.65 -5.00 20.97
C THR C 120 -4.02 -6.06 20.08
N VAL C 121 -2.92 -5.77 19.38
CA VAL C 121 -2.34 -6.73 18.45
C VAL C 121 -1.09 -7.37 19.05
N SER C 122 -0.93 -8.66 18.91
CA SER C 122 0.28 -9.32 19.32
C SER C 122 0.81 -10.11 18.14
N ILE C 123 2.15 -10.17 17.98
CA ILE C 123 2.70 -10.92 16.88
C ILE C 123 3.63 -11.95 17.50
N PHE C 124 3.68 -13.13 16.90
CA PHE C 124 4.48 -14.18 17.46
C PHE C 124 5.22 -14.86 16.35
N PRO C 125 6.54 -14.96 16.48
CA PRO C 125 7.38 -15.64 15.53
C PRO C 125 7.15 -17.15 15.65
N PRO C 126 7.49 -17.95 14.64
CA PRO C 126 7.39 -19.40 14.67
C PRO C 126 8.02 -19.95 15.95
N SER C 127 7.30 -20.87 16.59
CA SER C 127 7.84 -21.60 17.70
C SER C 127 9.10 -22.37 17.29
N SER C 128 10.04 -22.48 18.22
CA SER C 128 11.27 -23.23 18.00
C SER C 128 10.95 -24.65 17.56
N GLU C 129 9.98 -25.24 18.28
CA GLU C 129 9.44 -26.57 18.03
C GLU C 129 8.92 -26.75 16.60
N GLN C 130 8.34 -25.70 16.02
CA GLN C 130 7.74 -25.85 14.71
C GLN C 130 8.79 -25.91 13.62
N LEU C 131 9.90 -25.20 13.78
CA LEU C 131 10.83 -25.13 12.68
C LEU C 131 11.29 -26.52 12.17
N THR C 132 11.33 -27.54 13.04
CA THR C 132 11.72 -28.92 12.67
C THR C 132 10.82 -29.50 11.60
N SER C 133 9.54 -29.13 11.65
CA SER C 133 8.57 -29.59 10.69
C SER C 133 8.90 -29.13 9.26
N GLY C 134 9.82 -28.16 9.13
CA GLY C 134 10.06 -27.58 7.84
C GLY C 134 8.98 -26.54 7.58
N GLY C 135 8.25 -26.11 8.63
CA GLY C 135 7.22 -25.11 8.46
C GLY C 135 7.45 -23.98 9.43
N ALA C 136 6.91 -22.80 9.14
CA ALA C 136 7.05 -21.64 10.00
C ALA C 136 5.77 -20.87 9.90
N SER C 137 5.03 -20.75 11.00
CA SER C 137 3.80 -19.97 11.05
C SER C 137 4.02 -18.76 11.91
N VAL C 138 3.68 -17.59 11.40
CA VAL C 138 3.77 -16.35 12.14
C VAL C 138 2.33 -16.04 12.50
N VAL C 139 2.07 -15.80 13.76
CA VAL C 139 0.72 -15.57 14.20
C VAL C 139 0.54 -14.14 14.71
N CYS C 140 -0.56 -13.55 14.36
CA CYS C 140 -0.88 -12.27 14.93
C CYS C 140 -2.31 -12.34 15.47
N PHE C 141 -2.50 -11.91 16.72
CA PHE C 141 -3.81 -11.89 17.34
C PHE C 141 -4.24 -10.43 17.44
N LEU C 142 -5.45 -10.11 17.03
CA LEU C 142 -5.99 -8.76 17.16
C LEU C 142 -7.20 -8.94 18.07
N ASN C 143 -7.05 -8.59 19.33
CA ASN C 143 -8.04 -8.89 20.32
C ASN C 143 -8.85 -7.72 20.85
N ASN C 144 -10.12 -8.01 21.19
CA ASN C 144 -11.06 -7.14 21.87
C ASN C 144 -11.31 -5.80 21.21
N PHE C 145 -11.64 -5.85 19.94
CA PHE C 145 -11.97 -4.67 19.19
C PHE C 145 -13.45 -4.57 18.87
N TYR C 146 -13.90 -3.39 18.50
CA TYR C 146 -15.27 -3.15 18.13
C TYR C 146 -15.32 -1.88 17.29
N PRO C 147 -16.04 -1.79 16.16
CA PRO C 147 -16.86 -2.84 15.52
C PRO C 147 -16.10 -3.99 14.92
N LYS C 148 -16.84 -4.96 14.38
CA LYS C 148 -16.31 -6.18 13.79
C LYS C 148 -15.44 -6.02 12.56
N ASP C 149 -15.67 -4.97 11.81
CA ASP C 149 -15.01 -4.78 10.53
C ASP C 149 -13.53 -4.44 10.72
N ILE C 150 -12.63 -5.22 10.14
CA ILE C 150 -11.21 -5.04 10.29
C ILE C 150 -10.50 -5.61 9.05
N ASN C 151 -9.35 -5.09 8.59
CA ASN C 151 -8.67 -5.76 7.49
C ASN C 151 -7.25 -5.87 7.94
N VAL C 152 -6.64 -7.01 7.67
CA VAL C 152 -5.30 -7.32 8.14
C VAL C 152 -4.48 -7.54 6.90
N LYS C 153 -3.28 -6.98 6.87
CA LYS C 153 -2.38 -7.12 5.75
C LYS C 153 -1.10 -7.69 6.35
N TRP C 154 -0.46 -8.66 5.74
CA TRP C 154 0.85 -9.11 6.21
C TRP C 154 1.95 -8.56 5.28
N LYS C 155 3.07 -8.08 5.79
CA LYS C 155 4.18 -7.70 4.93
C LYS C 155 5.43 -8.39 5.34
N ILE C 156 6.19 -8.88 4.39
CA ILE C 156 7.47 -9.50 4.66
C ILE C 156 8.52 -8.63 4.00
N ASP C 157 9.37 -8.07 4.86
CA ASP C 157 10.44 -7.20 4.45
C ASP C 157 9.92 -6.05 3.62
N GLY C 158 8.74 -5.55 4.00
CA GLY C 158 8.11 -4.48 3.28
C GLY C 158 7.20 -4.96 2.17
N SER C 159 7.35 -6.12 1.53
CA SER C 159 6.39 -6.52 0.52
C SER C 159 5.18 -7.23 1.12
N GLU C 160 3.95 -6.90 0.76
CA GLU C 160 2.82 -7.56 1.38
C GLU C 160 2.67 -8.96 0.84
N ARG C 161 2.29 -9.91 1.67
CA ARG C 161 2.13 -11.26 1.22
C ARG C 161 0.70 -11.60 1.49
N GLN C 162 0.07 -12.09 0.43
CA GLN C 162 -1.33 -12.45 0.50
C GLN C 162 -1.56 -13.94 0.60
N ASN C 163 -0.70 -14.77 0.04
CA ASN C 163 -0.97 -16.19 0.05
C ASN C 163 -0.39 -16.85 1.27
N GLY C 164 -1.04 -17.89 1.79
CA GLY C 164 -0.51 -18.62 2.93
C GLY C 164 -1.02 -18.10 4.27
N VAL C 165 -2.03 -17.22 4.21
CA VAL C 165 -2.65 -16.58 5.36
C VAL C 165 -3.96 -17.28 5.69
N LEU C 166 -4.26 -17.51 6.96
CA LEU C 166 -5.61 -17.89 7.31
C LEU C 166 -6.08 -17.17 8.56
N ASN C 167 -7.20 -16.55 8.34
CA ASN C 167 -7.83 -15.72 9.34
C ASN C 167 -8.95 -16.48 10.02
N SER C 168 -9.21 -16.18 11.29
CA SER C 168 -10.32 -16.73 12.02
C SER C 168 -10.79 -15.66 12.97
N TRP C 169 -12.10 -15.57 13.16
CA TRP C 169 -12.74 -14.54 13.97
C TRP C 169 -13.64 -15.18 15.01
N THR C 170 -13.65 -14.68 16.24
CA THR C 170 -14.58 -15.17 17.24
C THR C 170 -15.96 -14.54 17.03
N ASP C 171 -17.04 -15.12 17.60
CA ASP C 171 -18.32 -14.42 17.60
C ASP C 171 -18.17 -13.34 18.66
N GLN C 172 -19.20 -12.54 18.93
CA GLN C 172 -19.13 -11.50 19.92
C GLN C 172 -18.98 -12.07 21.31
N ASP C 173 -18.08 -11.50 22.09
CA ASP C 173 -17.80 -12.01 23.40
C ASP C 173 -18.96 -11.76 24.35
N SER C 174 -19.53 -12.75 25.03
CA SER C 174 -20.65 -12.46 25.93
C SER C 174 -20.25 -11.62 27.14
N LYS C 175 -18.95 -11.43 27.44
CA LYS C 175 -18.58 -10.52 28.51
C LYS C 175 -18.58 -9.07 28.06
N ASP C 176 -17.63 -8.68 27.20
CA ASP C 176 -17.50 -7.28 26.83
C ASP C 176 -18.03 -6.88 25.48
N SER C 177 -18.67 -7.77 24.73
CA SER C 177 -19.24 -7.47 23.42
C SER C 177 -18.25 -7.11 22.32
N THR C 178 -16.97 -7.49 22.53
CA THR C 178 -15.97 -7.19 21.51
C THR C 178 -15.73 -8.38 20.63
N TYR C 179 -14.98 -8.21 19.57
CA TYR C 179 -14.57 -9.29 18.70
C TYR C 179 -13.06 -9.48 18.78
N SER C 180 -12.57 -10.65 18.37
CA SER C 180 -11.16 -10.91 18.26
C SER C 180 -10.94 -11.67 16.97
N MET C 181 -9.71 -11.58 16.50
CA MET C 181 -9.30 -12.10 15.21
C MET C 181 -7.92 -12.71 15.39
N SER C 182 -7.60 -13.73 14.61
CA SER C 182 -6.33 -14.41 14.62
C SER C 182 -5.96 -14.51 13.17
N SER C 183 -4.73 -14.11 12.81
CA SER C 183 -4.24 -14.19 11.46
C SER C 183 -2.95 -14.96 11.51
N THR C 184 -2.86 -16.06 10.75
CA THR C 184 -1.65 -16.87 10.73
C THR C 184 -1.08 -16.87 9.33
N LEU C 185 0.23 -16.63 9.19
CA LEU C 185 0.93 -16.67 7.90
C LEU C 185 1.81 -17.89 7.94
N THR C 186 1.70 -18.81 7.00
CA THR C 186 2.56 -19.95 7.04
C THR C 186 3.42 -19.96 5.78
N LEU C 187 4.71 -20.08 6.03
CA LEU C 187 5.71 -20.15 4.98
C LEU C 187 6.49 -21.44 5.20
N THR C 188 7.37 -21.72 4.24
CA THR C 188 8.29 -22.82 4.40
C THR C 188 9.37 -22.35 5.33
N LYS C 189 10.07 -23.27 6.00
CA LYS C 189 11.26 -22.93 6.78
C LYS C 189 12.26 -22.09 5.96
N ASP C 190 12.50 -22.53 4.71
CA ASP C 190 13.35 -21.88 3.74
C ASP C 190 12.99 -20.42 3.54
N GLU C 191 11.76 -20.12 3.11
CA GLU C 191 11.32 -18.73 2.89
C GLU C 191 11.48 -17.90 4.16
N TYR C 192 11.06 -18.46 5.29
CA TYR C 192 11.13 -17.72 6.53
C TYR C 192 12.54 -17.26 6.83
N GLU C 193 13.51 -18.14 6.56
CA GLU C 193 14.89 -17.80 6.82
C GLU C 193 15.48 -16.80 5.84
N ARG C 194 14.87 -16.72 4.67
CA ARG C 194 15.30 -15.84 3.62
C ARG C 194 14.95 -14.39 3.93
N HIS C 195 14.24 -14.11 5.03
CA HIS C 195 13.77 -12.77 5.27
C HIS C 195 13.99 -12.32 6.68
N ASN C 196 13.98 -11.00 6.89
CA ASN C 196 14.20 -10.50 8.22
C ASN C 196 12.99 -9.83 8.90
N SER C 197 12.10 -9.16 8.24
CA SER C 197 11.13 -8.35 8.94
C SER C 197 9.73 -8.87 8.63
N TYR C 198 8.89 -8.99 9.64
CA TYR C 198 7.59 -9.62 9.49
C TYR C 198 6.60 -8.67 10.11
N THR C 199 5.55 -8.24 9.45
CA THR C 199 4.68 -7.30 10.11
C THR C 199 3.22 -7.61 9.76
N CYS C 200 2.45 -7.44 10.83
CA CYS C 200 1.02 -7.60 10.84
C CYS C 200 0.43 -6.21 10.97
N GLU C 201 -0.40 -5.76 10.07
CA GLU C 201 -0.99 -4.46 10.26
C GLU C 201 -2.47 -4.51 9.98
N ALA C 202 -3.12 -3.79 10.84
CA ALA C 202 -4.54 -3.78 10.92
C ALA C 202 -5.08 -2.37 10.71
N THR C 203 -5.97 -2.25 9.74
CA THR C 203 -6.72 -1.03 9.63
C THR C 203 -8.11 -1.33 10.22
N HIS C 204 -8.55 -0.47 11.10
CA HIS C 204 -9.83 -0.57 11.82
C HIS C 204 -10.33 0.87 11.95
N LYS C 205 -11.59 1.17 12.15
CA LYS C 205 -12.01 2.58 12.19
C LYS C 205 -11.63 3.36 13.44
N THR C 206 -10.94 2.78 14.40
CA THR C 206 -10.56 3.50 15.59
C THR C 206 -9.21 4.23 15.48
N SER C 207 -8.62 4.18 14.30
CA SER C 207 -7.39 4.87 13.99
C SER C 207 -7.38 5.04 12.48
N THR C 208 -6.96 6.20 11.98
CA THR C 208 -6.82 6.35 10.54
C THR C 208 -5.56 5.61 10.12
N SER C 209 -4.44 5.80 10.82
CA SER C 209 -3.29 4.99 10.48
C SER C 209 -3.42 3.59 11.06
N PRO C 210 -2.91 2.55 10.37
CA PRO C 210 -2.91 1.17 10.83
C PRO C 210 -2.14 0.97 12.11
N ILE C 211 -2.56 0.00 12.93
CA ILE C 211 -1.73 -0.37 14.05
C ILE C 211 -0.94 -1.53 13.48
N VAL C 212 0.37 -1.44 13.70
CA VAL C 212 1.34 -2.35 13.09
C VAL C 212 1.94 -3.12 14.26
N LYS C 213 2.35 -4.35 14.06
CA LYS C 213 3.15 -5.02 15.05
C LYS C 213 4.14 -5.75 14.18
N SER C 214 5.44 -5.67 14.46
CA SER C 214 6.47 -6.34 13.67
C SER C 214 7.52 -6.95 14.53
N PHE C 215 8.30 -7.82 13.96
CA PHE C 215 9.51 -8.19 14.62
C PHE C 215 10.56 -8.35 13.53
N ASN C 216 11.78 -8.22 13.96
CA ASN C 216 12.90 -8.41 13.09
C ASN C 216 13.62 -9.60 13.66
N ARG C 217 14.07 -10.48 12.80
CA ARG C 217 14.77 -11.67 13.26
C ARG C 217 16.22 -11.38 13.64
N GLU D 1 -37.41 -35.87 30.74
CA GLU D 1 -38.30 -35.00 29.99
C GLU D 1 -38.28 -35.66 28.61
N VAL D 2 -38.89 -35.06 27.60
CA VAL D 2 -38.75 -35.49 26.23
C VAL D 2 -37.26 -35.32 25.88
N GLN D 3 -36.59 -36.33 25.33
CA GLN D 3 -35.21 -36.20 24.92
C GLN D 3 -34.93 -37.02 23.67
N LEU D 4 -34.14 -36.47 22.73
CA LEU D 4 -33.67 -37.15 21.53
C LEU D 4 -32.12 -37.08 21.58
N VAL D 5 -31.42 -38.18 21.29
CA VAL D 5 -29.98 -38.33 21.38
C VAL D 5 -29.46 -38.95 20.07
N GLU D 6 -28.73 -38.18 19.29
CA GLU D 6 -28.22 -38.65 18.00
C GLU D 6 -26.90 -39.33 18.29
N SER D 7 -26.55 -40.31 17.44
CA SER D 7 -25.32 -41.08 17.53
C SER D 7 -24.86 -41.51 16.15
N GLY D 8 -23.58 -41.82 15.99
CA GLY D 8 -23.09 -42.48 14.77
C GLY D 8 -22.26 -41.63 13.84
N GLY D 9 -22.07 -40.36 14.14
CA GLY D 9 -21.33 -39.48 13.24
C GLY D 9 -19.89 -39.94 13.29
N ASP D 10 -19.25 -39.84 12.13
CA ASP D 10 -17.89 -40.28 12.00
C ASP D 10 -17.38 -39.65 10.70
N LEU D 11 -16.08 -39.80 10.49
CA LEU D 11 -15.40 -39.41 9.29
C LEU D 11 -15.63 -40.54 8.33
N VAL D 12 -16.05 -40.28 7.13
CA VAL D 12 -16.29 -41.34 6.15
C VAL D 12 -15.83 -40.82 4.80
N LYS D 13 -15.33 -41.71 3.97
CA LYS D 13 -14.81 -41.30 2.68
C LYS D 13 -15.94 -40.99 1.70
N PRO D 14 -15.73 -40.11 0.70
CA PRO D 14 -16.72 -39.78 -0.33
C PRO D 14 -17.15 -41.08 -1.01
N GLY D 15 -18.41 -41.23 -1.33
CA GLY D 15 -18.94 -42.44 -1.88
C GLY D 15 -19.26 -43.44 -0.76
N GLY D 16 -18.97 -43.12 0.51
CA GLY D 16 -19.13 -44.09 1.58
C GLY D 16 -20.54 -44.16 2.17
N SER D 17 -20.78 -45.01 3.16
CA SER D 17 -22.07 -45.07 3.79
C SER D 17 -21.95 -44.99 5.28
N LEU D 18 -23.01 -44.52 5.92
CA LEU D 18 -23.01 -44.25 7.35
C LEU D 18 -24.43 -44.45 7.89
N LYS D 19 -24.60 -44.98 9.06
CA LYS D 19 -25.94 -45.05 9.63
C LYS D 19 -25.95 -44.28 10.93
N LEU D 20 -26.87 -43.32 11.03
CA LEU D 20 -27.01 -42.54 12.22
C LEU D 20 -28.19 -43.11 12.96
N SER D 21 -28.22 -42.98 14.28
CA SER D 21 -29.39 -43.37 15.02
C SER D 21 -29.81 -42.21 15.90
N CYS D 22 -31.03 -42.27 16.38
CA CYS D 22 -31.57 -41.23 17.25
C CYS D 22 -32.44 -41.90 18.29
N ALA D 23 -32.03 -41.89 19.54
CA ALA D 23 -32.73 -42.53 20.62
C ALA D 23 -33.68 -41.56 21.25
N ALA D 24 -34.95 -41.98 21.31
CA ALA D 24 -35.98 -41.13 21.85
C ALA D 24 -36.43 -41.60 23.22
N SER D 25 -36.62 -40.69 24.16
CA SER D 25 -37.11 -41.11 25.44
C SER D 25 -38.01 -40.05 26.02
N GLY D 26 -38.79 -40.46 27.03
CA GLY D 26 -39.70 -39.57 27.74
C GLY D 26 -41.02 -39.21 27.06
N PHE D 27 -41.49 -39.96 26.05
CA PHE D 27 -42.77 -39.68 25.42
C PHE D 27 -43.09 -40.92 24.60
N SER D 28 -44.29 -40.93 24.01
CA SER D 28 -44.76 -42.07 23.28
C SER D 28 -44.32 -41.93 21.84
N PHE D 29 -43.17 -42.54 21.52
CA PHE D 29 -42.52 -42.42 20.19
C PHE D 29 -43.42 -42.65 18.97
N SER D 30 -44.25 -43.69 18.97
CA SER D 30 -45.09 -44.04 17.82
C SER D 30 -46.20 -43.03 17.59
N SER D 31 -46.50 -42.12 18.51
CA SER D 31 -47.52 -41.11 18.26
C SER D 31 -47.00 -39.89 17.47
N TYR D 32 -45.69 -39.81 17.11
CA TYR D 32 -45.16 -38.56 16.55
C TYR D 32 -44.39 -38.83 15.31
N GLY D 33 -44.51 -37.93 14.34
CA GLY D 33 -43.69 -38.04 13.13
C GLY D 33 -42.31 -37.57 13.60
N MET D 34 -41.26 -37.91 12.85
CA MET D 34 -39.89 -37.59 13.27
C MET D 34 -39.14 -37.10 12.04
N SER D 35 -38.13 -36.25 12.24
CA SER D 35 -37.32 -35.74 11.15
C SER D 35 -35.84 -35.68 11.51
N TRP D 36 -35.02 -35.62 10.47
CA TRP D 36 -33.58 -35.36 10.53
C TRP D 36 -33.38 -34.01 9.85
N VAL D 37 -32.62 -33.12 10.47
CA VAL D 37 -32.31 -31.77 9.98
C VAL D 37 -30.78 -31.65 10.09
N ARG D 38 -30.06 -31.02 9.21
CA ARG D 38 -28.62 -30.88 9.41
C ARG D 38 -28.22 -29.43 9.45
N GLN D 39 -27.13 -29.09 10.16
CA GLN D 39 -26.66 -27.75 10.08
C GLN D 39 -25.26 -27.83 9.48
N THR D 40 -25.11 -27.16 8.33
CA THR D 40 -23.84 -27.21 7.61
C THR D 40 -22.74 -26.32 8.26
N PRO D 41 -21.44 -26.45 7.94
CA PRO D 41 -20.35 -25.65 8.54
C PRO D 41 -20.58 -24.15 8.48
N ASP D 42 -21.26 -23.67 7.45
CA ASP D 42 -21.52 -22.24 7.37
C ASP D 42 -22.84 -21.86 8.03
N LYS D 43 -23.40 -22.75 8.86
CA LYS D 43 -24.58 -22.49 9.66
C LYS D 43 -25.94 -22.43 8.97
N ARG D 44 -26.03 -22.85 7.71
CA ARG D 44 -27.35 -22.97 7.10
C ARG D 44 -28.04 -24.22 7.70
N LEU D 45 -29.36 -24.16 7.81
CA LEU D 45 -30.15 -25.27 8.32
C LEU D 45 -30.83 -25.95 7.14
N GLU D 46 -30.82 -27.29 7.09
CA GLU D 46 -31.47 -27.96 5.98
C GLU D 46 -32.23 -29.19 6.44
N TRP D 47 -33.51 -29.28 6.05
CA TRP D 47 -34.25 -30.50 6.30
C TRP D 47 -33.69 -31.65 5.48
N VAL D 48 -33.51 -32.79 6.09
CA VAL D 48 -33.00 -33.97 5.42
C VAL D 48 -34.10 -35.01 5.15
N ALA D 49 -35.11 -35.21 6.01
CA ALA D 49 -36.07 -36.29 5.81
C ALA D 49 -37.12 -36.25 6.89
N THR D 50 -38.34 -36.71 6.62
CA THR D 50 -39.36 -36.87 7.65
C THR D 50 -39.97 -38.25 7.50
N ILE D 51 -40.39 -38.87 8.61
CA ILE D 51 -41.11 -40.14 8.58
C ILE D 51 -42.38 -40.01 9.43
N SER D 52 -43.52 -40.50 8.92
CA SER D 52 -44.77 -40.42 9.63
C SER D 52 -44.72 -41.30 10.87
N ASN D 53 -45.63 -41.14 11.84
CA ASN D 53 -45.49 -41.89 13.07
C ASN D 53 -45.52 -43.39 12.91
N GLY D 54 -46.26 -43.90 11.93
CA GLY D 54 -46.29 -45.33 11.75
C GLY D 54 -45.15 -45.84 10.90
N GLY D 55 -44.54 -44.99 10.08
CA GLY D 55 -43.48 -45.48 9.21
C GLY D 55 -43.89 -45.65 7.75
N GLY D 56 -45.16 -45.47 7.36
CA GLY D 56 -45.52 -45.75 5.98
C GLY D 56 -45.20 -44.63 5.03
N TYR D 57 -45.01 -43.40 5.53
CA TYR D 57 -44.74 -42.27 4.65
C TYR D 57 -43.39 -41.66 4.98
N THR D 58 -42.53 -41.45 3.97
CA THR D 58 -41.21 -40.84 4.17
C THR D 58 -41.06 -39.76 3.14
N TYR D 59 -40.42 -38.64 3.49
CA TYR D 59 -40.31 -37.48 2.61
C TYR D 59 -38.88 -37.03 2.58
N TYR D 60 -38.39 -36.60 1.44
CA TYR D 60 -36.98 -36.26 1.31
C TYR D 60 -36.81 -35.10 0.36
N PRO D 61 -35.82 -34.22 0.54
CA PRO D 61 -35.58 -33.13 -0.39
C PRO D 61 -34.82 -33.75 -1.58
N ASP D 62 -34.77 -33.10 -2.75
CA ASP D 62 -34.05 -33.68 -3.89
C ASP D 62 -32.58 -33.90 -3.62
N SER D 63 -31.97 -33.09 -2.77
CA SER D 63 -30.58 -33.26 -2.45
C SER D 63 -30.19 -34.62 -1.87
N VAL D 64 -31.14 -35.30 -1.26
CA VAL D 64 -30.87 -36.53 -0.52
C VAL D 64 -31.58 -37.77 -1.07
N LYS D 65 -32.71 -37.58 -1.76
CA LYS D 65 -33.54 -38.65 -2.30
C LYS D 65 -32.71 -39.64 -3.13
N GLY D 66 -32.86 -40.92 -2.86
CA GLY D 66 -32.11 -41.91 -3.60
C GLY D 66 -30.91 -42.32 -2.78
N ARG D 67 -30.30 -41.41 -2.02
CA ARG D 67 -29.14 -41.70 -1.24
C ARG D 67 -29.41 -41.97 0.21
N PHE D 68 -30.33 -41.23 0.81
CA PHE D 68 -30.57 -41.42 2.25
C PHE D 68 -31.90 -42.08 2.47
N THR D 69 -32.04 -42.92 3.48
CA THR D 69 -33.31 -43.53 3.82
C THR D 69 -33.60 -43.31 5.29
N ILE D 70 -34.74 -42.73 5.63
CA ILE D 70 -35.09 -42.63 7.04
C ILE D 70 -35.93 -43.86 7.43
N SER D 71 -35.82 -44.40 8.64
CA SER D 71 -36.66 -45.50 9.03
C SER D 71 -36.82 -45.37 10.53
N ARG D 72 -37.70 -46.15 11.17
CA ARG D 72 -37.88 -46.03 12.59
C ARG D 72 -38.29 -47.39 13.07
N ASP D 73 -38.07 -47.59 14.35
CA ASP D 73 -38.42 -48.86 14.98
C ASP D 73 -39.17 -48.45 16.21
N ASN D 74 -40.48 -48.45 16.12
CA ASN D 74 -41.27 -48.02 17.24
C ASN D 74 -41.23 -48.92 18.46
N ALA D 75 -40.80 -50.16 18.33
CA ALA D 75 -40.67 -51.01 19.48
C ALA D 75 -39.46 -50.61 20.28
N LYS D 76 -38.39 -50.13 19.65
CA LYS D 76 -37.22 -49.76 20.44
C LYS D 76 -36.98 -48.27 20.54
N ASN D 77 -37.98 -47.46 20.16
CA ASN D 77 -37.95 -46.01 20.28
C ASN D 77 -36.75 -45.42 19.57
N THR D 78 -36.47 -45.92 18.39
CA THR D 78 -35.28 -45.45 17.70
C THR D 78 -35.58 -45.03 16.29
N LEU D 79 -35.02 -43.87 15.90
CA LEU D 79 -35.13 -43.36 14.54
C LEU D 79 -33.78 -43.61 13.86
N TYR D 80 -33.73 -43.92 12.58
CA TYR D 80 -32.47 -44.17 11.87
C TYR D 80 -32.35 -43.32 10.61
N LEU D 81 -31.12 -43.06 10.16
CA LEU D 81 -30.93 -42.44 8.87
C LEU D 81 -29.82 -43.23 8.26
N GLN D 82 -30.05 -43.86 7.14
CA GLN D 82 -29.02 -44.62 6.46
C GLN D 82 -28.56 -43.70 5.34
N MET D 83 -27.29 -43.37 5.26
CA MET D 83 -26.73 -42.45 4.25
C MET D 83 -25.79 -43.23 3.37
N SER D 84 -25.97 -43.15 2.06
CA SER D 84 -25.16 -43.87 1.08
C SER D 84 -24.70 -42.86 0.05
N SER D 85 -23.67 -43.23 -0.74
CA SER D 85 -23.10 -42.31 -1.71
C SER D 85 -22.87 -40.95 -1.09
N LEU D 86 -22.11 -40.94 0.01
CA LEU D 86 -21.90 -39.69 0.71
C LEU D 86 -21.05 -38.72 -0.09
N LYS D 87 -21.32 -37.43 0.01
CA LYS D 87 -20.64 -36.39 -0.75
C LYS D 87 -20.00 -35.40 0.22
N SER D 88 -18.98 -34.61 -0.13
CA SER D 88 -18.44 -33.60 0.78
C SER D 88 -19.50 -32.65 1.31
N GLU D 89 -20.50 -32.33 0.46
CA GLU D 89 -21.63 -31.47 0.78
C GLU D 89 -22.46 -32.04 1.91
N ASP D 90 -22.32 -33.32 2.25
CA ASP D 90 -23.12 -33.90 3.32
C ASP D 90 -22.48 -33.77 4.68
N SER D 91 -21.29 -33.17 4.74
CA SER D 91 -20.65 -33.03 6.03
C SER D 91 -21.47 -32.00 6.79
N ALA D 92 -21.84 -32.30 8.04
CA ALA D 92 -22.67 -31.37 8.80
C ALA D 92 -22.95 -32.00 10.14
N MET D 93 -23.53 -31.20 11.03
CA MET D 93 -24.01 -31.73 12.31
C MET D 93 -25.44 -32.18 12.03
N TYR D 94 -25.82 -33.43 12.29
CA TYR D 94 -27.13 -33.97 12.01
C TYR D 94 -27.91 -33.99 13.29
N TYR D 95 -29.16 -33.57 13.23
CA TYR D 95 -30.00 -33.50 14.41
C TYR D 95 -31.27 -34.25 14.09
N CYS D 96 -31.83 -34.96 15.06
CA CYS D 96 -33.17 -35.46 14.83
C CYS D 96 -34.08 -34.61 15.70
N ALA D 97 -35.32 -34.53 15.27
CA ALA D 97 -36.26 -33.66 15.92
C ALA D 97 -37.67 -34.25 15.80
N ARG D 98 -38.52 -33.95 16.78
CA ARG D 98 -39.89 -34.46 16.84
C ARG D 98 -40.83 -33.54 16.07
N ARG D 99 -41.77 -34.11 15.35
CA ARG D 99 -42.73 -33.27 14.68
C ARG D 99 -43.93 -33.13 15.63
N GLU D 100 -44.34 -31.93 15.99
CA GLU D 100 -45.30 -31.79 17.06
C GLU D 100 -46.75 -32.07 16.67
N ARG D 101 -47.50 -32.63 17.60
CA ARG D 101 -48.88 -32.94 17.38
C ARG D 101 -49.75 -31.67 17.47
N TYR D 102 -51.08 -31.81 17.38
CA TYR D 102 -52.06 -30.71 17.43
C TYR D 102 -51.83 -29.75 16.26
N ASP D 103 -51.24 -30.29 15.19
CA ASP D 103 -50.90 -29.60 13.96
C ASP D 103 -49.85 -28.49 14.13
N GLU D 104 -49.05 -28.59 15.18
CA GLU D 104 -47.98 -27.62 15.42
C GLU D 104 -46.80 -28.00 14.56
N ASN D 105 -46.58 -29.32 14.43
CA ASN D 105 -45.54 -29.88 13.54
C ASN D 105 -44.16 -29.23 13.76
N GLY D 106 -43.50 -28.62 12.77
CA GLY D 106 -42.19 -27.99 13.01
C GLY D 106 -41.16 -29.05 13.37
N PHE D 107 -40.11 -28.69 14.10
CA PHE D 107 -39.03 -29.60 14.45
C PHE D 107 -38.75 -29.23 15.89
N ALA D 108 -38.94 -30.10 16.88
CA ALA D 108 -38.82 -29.71 18.26
C ALA D 108 -37.99 -30.70 19.03
N TYR D 109 -37.46 -30.27 20.20
CA TYR D 109 -36.70 -31.17 21.05
C TYR D 109 -35.49 -31.74 20.34
N TRP D 110 -34.79 -30.87 19.58
CA TRP D 110 -33.56 -31.25 18.87
C TRP D 110 -32.52 -31.75 19.86
N GLY D 111 -31.82 -32.82 19.49
CA GLY D 111 -30.75 -33.34 20.34
C GLY D 111 -29.51 -32.45 20.22
N GLN D 112 -28.37 -32.86 20.77
CA GLN D 112 -27.16 -32.08 20.68
C GLN D 112 -26.50 -32.26 19.31
N GLY D 113 -26.93 -33.23 18.53
CA GLY D 113 -26.40 -33.44 17.19
C GLY D 113 -25.27 -34.46 17.17
N THR D 114 -25.01 -34.99 15.97
CA THR D 114 -23.91 -35.89 15.77
C THR D 114 -23.21 -35.34 14.51
N LEU D 115 -21.87 -35.42 14.46
CA LEU D 115 -21.13 -34.73 13.40
C LEU D 115 -20.68 -35.70 12.37
N VAL D 116 -21.00 -35.42 11.11
CA VAL D 116 -20.59 -36.28 10.00
C VAL D 116 -19.57 -35.51 9.17
N THR D 117 -18.42 -36.11 8.95
CA THR D 117 -17.39 -35.51 8.13
C THR D 117 -17.14 -36.41 6.93
N VAL D 118 -17.41 -35.94 5.72
CA VAL D 118 -17.18 -36.77 4.54
C VAL D 118 -15.94 -36.17 3.89
N SER D 119 -14.86 -36.91 3.82
CA SER D 119 -13.64 -36.35 3.29
C SER D 119 -12.72 -37.46 2.94
N ALA D 120 -11.83 -37.23 1.97
CA ALA D 120 -10.85 -38.25 1.66
C ALA D 120 -9.64 -38.14 2.56
N ALA D 121 -9.45 -37.04 3.29
CA ALA D 121 -8.34 -36.89 4.22
C ALA D 121 -8.39 -37.92 5.37
N LYS D 122 -7.25 -38.44 5.85
CA LYS D 122 -7.24 -39.41 6.94
C LYS D 122 -6.98 -38.69 8.27
N THR D 123 -7.22 -39.37 9.35
CA THR D 123 -7.08 -38.80 10.67
C THR D 123 -5.65 -38.37 10.92
N THR D 124 -5.46 -37.17 11.40
CA THR D 124 -4.12 -36.61 11.58
C THR D 124 -4.05 -35.95 12.90
N ALA D 125 -3.06 -36.31 13.72
CA ALA D 125 -2.95 -35.69 15.03
C ALA D 125 -2.46 -34.25 14.90
N PRO D 126 -2.84 -33.34 15.76
CA PRO D 126 -2.36 -31.96 15.68
C PRO D 126 -0.89 -31.84 16.10
N SER D 127 -0.16 -30.83 15.68
CA SER D 127 1.09 -30.45 16.33
C SER D 127 0.71 -29.25 17.16
N VAL D 128 1.05 -29.18 18.43
CA VAL D 128 0.64 -28.08 19.27
C VAL D 128 1.84 -27.20 19.50
N TYR D 129 1.81 -25.96 19.12
CA TYR D 129 2.97 -25.10 19.30
C TYR D 129 2.69 -23.99 20.28
N PRO D 130 3.58 -23.76 21.25
CA PRO D 130 3.42 -22.69 22.20
C PRO D 130 3.81 -21.36 21.49
N LEU D 131 3.13 -20.26 21.83
CA LEU D 131 3.42 -18.98 21.23
C LEU D 131 3.79 -18.10 22.39
N ALA D 132 5.07 -17.86 22.61
CA ALA D 132 5.48 -16.97 23.70
C ALA D 132 5.96 -15.68 23.03
N PRO D 133 5.83 -14.49 23.66
CA PRO D 133 6.24 -13.19 23.12
C PRO D 133 7.65 -13.13 22.55
N VAL D 134 8.03 -12.23 21.78
CA VAL D 134 9.43 -11.89 21.86
C VAL D 134 9.20 -10.50 22.32
N SER D 141 -1.65 -3.91 31.96
CA SER D 141 -0.63 -4.49 32.83
C SER D 141 -0.34 -5.96 32.44
N SER D 142 -0.22 -6.27 31.14
CA SER D 142 -0.28 -7.67 30.78
C SER D 142 0.50 -8.19 29.58
N VAL D 143 0.58 -9.52 29.45
CA VAL D 143 1.24 -10.18 28.35
C VAL D 143 0.27 -11.22 27.74
N THR D 144 0.32 -11.42 26.42
CA THR D 144 -0.52 -12.36 25.70
C THR D 144 0.32 -13.57 25.29
N LEU D 145 -0.10 -14.75 25.67
CA LEU D 145 0.58 -15.99 25.29
C LEU D 145 -0.38 -16.72 24.37
N GLY D 146 0.04 -17.75 23.65
CA GLY D 146 -0.88 -18.41 22.74
C GLY D 146 -0.52 -19.86 22.51
N CYS D 147 -1.41 -20.53 21.79
CA CYS D 147 -1.29 -21.93 21.41
C CYS D 147 -1.73 -22.10 19.99
N LEU D 148 -0.93 -22.69 19.15
CA LEU D 148 -1.32 -22.88 17.76
C LEU D 148 -1.51 -24.36 17.64
N VAL D 149 -2.69 -24.83 17.24
CA VAL D 149 -2.94 -26.27 17.10
C VAL D 149 -3.06 -26.51 15.60
N LYS D 150 -2.03 -27.11 15.04
CA LYS D 150 -1.93 -27.12 13.59
C LYS D 150 -2.03 -28.48 12.91
N GLY D 151 -2.82 -28.57 11.85
CA GLY D 151 -2.81 -29.72 11.00
C GLY D 151 -3.49 -30.96 11.53
N TYR D 152 -4.64 -30.86 12.14
CA TYR D 152 -5.31 -32.08 12.61
C TYR D 152 -6.55 -32.34 11.75
N PHE D 153 -7.02 -33.57 11.73
CA PHE D 153 -8.23 -33.95 11.02
C PHE D 153 -8.78 -35.18 11.72
N PRO D 154 -10.10 -35.33 12.00
CA PRO D 154 -11.15 -34.36 11.74
C PRO D 154 -11.38 -33.51 13.02
N GLU D 155 -12.38 -32.68 12.98
CA GLU D 155 -12.87 -32.04 14.18
C GLU D 155 -13.52 -33.10 15.10
N PRO D 156 -13.60 -32.94 16.44
CA PRO D 156 -13.11 -31.79 17.18
C PRO D 156 -11.78 -31.98 17.89
N VAL D 157 -11.22 -30.89 18.37
CA VAL D 157 -10.20 -30.97 19.39
C VAL D 157 -10.77 -30.12 20.54
N THR D 158 -10.39 -30.37 21.78
CA THR D 158 -10.78 -29.45 22.83
C THR D 158 -9.52 -28.74 23.30
N LEU D 159 -9.61 -27.46 23.65
CA LEU D 159 -8.46 -26.76 24.20
C LEU D 159 -8.93 -25.92 25.36
N THR D 160 -8.16 -26.01 26.42
CA THR D 160 -8.45 -25.32 27.66
C THR D 160 -7.13 -24.70 28.13
N TRP D 161 -7.10 -23.71 29.02
CA TRP D 161 -5.87 -23.21 29.60
C TRP D 161 -5.85 -23.59 31.08
N ASN D 162 -4.70 -24.04 31.55
CA ASN D 162 -4.46 -24.50 32.91
C ASN D 162 -5.57 -25.38 33.43
N SER D 163 -5.80 -26.48 32.69
CA SER D 163 -6.88 -27.43 32.95
C SER D 163 -8.22 -26.83 33.28
N GLY D 164 -8.56 -25.67 32.73
CA GLY D 164 -9.86 -25.08 32.92
C GLY D 164 -9.80 -23.93 33.89
N SER D 165 -8.79 -23.89 34.74
CA SER D 165 -8.68 -22.86 35.75
C SER D 165 -8.50 -21.45 35.22
N LEU D 166 -8.44 -21.27 33.91
CA LEU D 166 -8.14 -19.98 33.35
C LEU D 166 -9.06 -19.85 32.17
N SER D 167 -10.07 -19.00 32.30
CA SER D 167 -11.03 -18.73 31.25
C SER D 167 -11.05 -17.25 30.92
N SER D 168 -10.95 -16.40 31.96
CA SER D 168 -10.89 -14.97 31.78
C SER D 168 -9.70 -14.59 30.92
N GLY D 169 -9.92 -13.86 29.84
CA GLY D 169 -8.80 -13.39 29.06
C GLY D 169 -8.36 -14.39 28.02
N VAL D 170 -9.16 -15.46 27.81
CA VAL D 170 -8.92 -16.50 26.80
C VAL D 170 -9.73 -16.22 25.53
N HIS D 171 -9.18 -16.43 24.35
CA HIS D 171 -9.92 -16.35 23.11
C HIS D 171 -9.49 -17.56 22.34
N THR D 172 -10.38 -18.46 22.00
CA THR D 172 -10.05 -19.63 21.25
C THR D 172 -10.72 -19.36 19.95
N PHE D 173 -10.03 -19.49 18.84
CA PHE D 173 -10.56 -19.13 17.55
C PHE D 173 -11.10 -20.36 16.82
N PRO D 174 -12.27 -20.27 16.16
CA PRO D 174 -12.88 -21.37 15.40
C PRO D 174 -11.85 -22.03 14.50
N ALA D 175 -11.87 -23.34 14.38
CA ALA D 175 -10.94 -24.02 13.50
C ALA D 175 -11.24 -23.64 12.06
N VAL D 176 -10.20 -23.53 11.24
CA VAL D 176 -10.33 -23.20 9.84
C VAL D 176 -9.60 -24.27 9.06
N LEU D 177 -10.20 -24.75 7.99
CA LEU D 177 -9.73 -25.85 7.17
C LEU D 177 -9.02 -25.26 5.98
N GLN D 178 -7.81 -25.75 5.72
CA GLN D 178 -7.04 -25.30 4.60
C GLN D 178 -6.18 -26.48 4.20
N SER D 179 -6.18 -26.81 2.90
CA SER D 179 -5.48 -27.96 2.34
C SER D 179 -5.80 -29.25 3.10
N ASP D 180 -7.12 -29.44 3.30
CA ASP D 180 -7.69 -30.61 3.95
C ASP D 180 -7.23 -30.92 5.37
N LEU D 181 -6.67 -29.95 6.09
CA LEU D 181 -6.33 -30.12 7.47
C LEU D 181 -6.76 -28.90 8.26
N TYR D 182 -7.02 -29.06 9.56
CA TYR D 182 -7.49 -27.94 10.37
C TYR D 182 -6.44 -27.27 11.22
N THR D 183 -6.61 -25.98 11.41
CA THR D 183 -5.80 -25.22 12.34
C THR D 183 -6.72 -24.47 13.27
N LEU D 184 -6.35 -24.40 14.53
CA LEU D 184 -7.08 -23.67 15.53
C LEU D 184 -6.01 -22.92 16.33
N SER D 185 -6.34 -21.78 16.93
CA SER D 185 -5.38 -21.09 17.78
C SER D 185 -6.17 -20.50 18.94
N SER D 186 -5.50 -20.19 20.04
CA SER D 186 -6.12 -19.64 21.22
C SER D 186 -5.13 -18.65 21.83
N SER D 187 -5.56 -17.55 22.46
CA SER D 187 -4.66 -16.65 23.17
C SER D 187 -5.15 -16.49 24.58
N VAL D 188 -4.24 -16.18 25.50
CA VAL D 188 -4.62 -15.85 26.85
C VAL D 188 -3.86 -14.59 27.24
N THR D 189 -4.47 -13.67 27.96
CA THR D 189 -3.74 -12.50 28.42
C THR D 189 -3.71 -12.57 29.94
N VAL D 190 -2.52 -12.54 30.52
CA VAL D 190 -2.35 -12.59 31.96
C VAL D 190 -1.53 -11.36 32.38
N THR D 191 -1.50 -10.97 33.65
CA THR D 191 -0.67 -9.83 33.99
C THR D 191 0.79 -10.26 33.99
N SER D 192 1.70 -9.30 34.00
CA SER D 192 3.11 -9.63 34.10
C SER D 192 3.50 -10.17 35.46
N SER D 193 2.60 -10.14 36.43
CA SER D 193 2.89 -10.72 37.74
C SER D 193 2.83 -12.24 37.66
N THR D 194 1.93 -12.72 36.81
CA THR D 194 1.70 -14.14 36.69
C THR D 194 2.74 -14.95 35.93
N TRP D 195 3.14 -14.55 34.73
CA TRP D 195 4.02 -15.39 33.92
C TRP D 195 5.36 -14.70 33.65
N PRO D 196 6.52 -15.37 33.66
CA PRO D 196 6.74 -16.79 33.78
C PRO D 196 6.80 -17.42 35.17
N SER D 197 6.51 -16.68 36.25
CA SER D 197 6.65 -17.23 37.59
C SER D 197 5.76 -18.45 37.71
N GLN D 198 4.49 -18.20 37.37
CA GLN D 198 3.47 -19.23 37.45
C GLN D 198 3.33 -19.83 36.05
N SER D 199 3.06 -21.13 35.99
CA SER D 199 2.95 -21.83 34.73
C SER D 199 1.62 -21.56 34.06
N ILE D 200 1.67 -21.48 32.75
CA ILE D 200 0.47 -21.44 31.93
C ILE D 200 0.67 -22.54 30.90
N THR D 201 -0.32 -23.42 30.90
CA THR D 201 -0.36 -24.56 30.03
C THR D 201 -1.62 -24.55 29.16
N CYS D 202 -1.39 -24.92 27.91
CA CYS D 202 -2.40 -25.12 26.90
C CYS D 202 -2.75 -26.60 26.93
N ASN D 203 -3.99 -26.99 27.20
CA ASN D 203 -4.30 -28.41 27.31
C ASN D 203 -5.02 -28.77 26.04
N VAL D 204 -4.45 -29.62 25.20
CA VAL D 204 -5.13 -29.97 23.96
C VAL D 204 -5.49 -31.45 23.92
N ALA D 205 -6.65 -31.76 23.34
CA ALA D 205 -7.00 -33.15 23.21
C ALA D 205 -7.63 -33.33 21.88
N HIS D 206 -7.22 -34.35 21.15
CA HIS D 206 -7.81 -34.70 19.89
C HIS D 206 -8.26 -36.18 19.98
N PRO D 207 -9.53 -36.43 20.26
CA PRO D 207 -10.10 -37.75 20.40
C PRO D 207 -9.89 -38.67 19.22
N ALA D 208 -10.09 -38.23 17.99
CA ALA D 208 -9.95 -39.13 16.87
C ALA D 208 -8.58 -39.73 16.75
N SER D 209 -7.50 -39.08 17.21
CA SER D 209 -6.17 -39.68 17.06
C SER D 209 -5.65 -40.08 18.42
N SER D 210 -6.50 -39.99 19.47
CA SER D 210 -6.13 -40.34 20.81
C SER D 210 -4.86 -39.63 21.25
N THR D 211 -4.91 -38.30 21.08
CA THR D 211 -3.80 -37.43 21.43
C THR D 211 -4.18 -36.49 22.55
N LYS D 212 -3.40 -36.45 23.63
CA LYS D 212 -3.54 -35.47 24.69
C LYS D 212 -2.17 -34.80 24.89
N VAL D 213 -2.14 -33.47 24.99
CA VAL D 213 -0.90 -32.72 25.14
C VAL D 213 -1.15 -31.62 26.16
N ASP D 214 -0.30 -31.47 27.17
CA ASP D 214 -0.40 -30.28 27.98
C ASP D 214 0.84 -29.48 27.66
N LYS D 215 0.73 -28.43 26.89
CA LYS D 215 1.91 -27.71 26.42
C LYS D 215 2.20 -26.51 27.29
N LYS D 216 3.27 -26.58 28.06
CA LYS D 216 3.75 -25.42 28.83
C LYS D 216 4.22 -24.28 27.96
N ILE D 217 3.78 -23.05 28.19
CA ILE D 217 4.28 -21.90 27.44
C ILE D 217 5.48 -21.39 28.26
N GLU D 218 6.60 -21.35 27.58
CA GLU D 218 7.90 -21.09 28.15
C GLU D 218 8.46 -19.85 27.50
N PRO D 219 9.25 -19.05 28.21
CA PRO D 219 9.92 -17.85 27.71
C PRO D 219 10.80 -18.24 26.54
N ARG D 220 11.53 -19.24 26.69
#